data_5EOY
#
_entry.id   5EOY
#
_cell.length_a   41.575
_cell.length_b   110.750
_cell.length_c   151.995
_cell.angle_alpha   90.00
_cell.angle_beta   90.00
_cell.angle_gamma   90.00
#
_symmetry.space_group_name_H-M   'P 2 21 21'
#
loop_
_entity.id
_entity.type
_entity.pdbx_description
1 polymer 'Type 4 fimbrial biogenesis protein PilM'
2 non-polymer "ADENOSINE-5'-DIPHOSPHATE"
3 non-polymer 'MAGNESIUM ION'
4 water water
#
_entity_poly.entity_id   1
_entity_poly.type   'polypeptide(L)'
_entity_poly.pdbx_seq_one_letter_code
;GSH(MSE)LGLIKKKANTLLGIDISSTSVKLLELSRSGGRYKVEAYAVEPLPPNAVVEKNIVELEGVGQALSRVLVKAKT
NLKSAVVAVAGSAVITKTIE(MSE)EAGLSEDELENQLKIEADQYIPYPLEEVAIDFEVQGLSARNPERVDVLLAACRKE
NVEVREAALALAGLTAKVVDVEAYALERSYALLSSQLGADTDQLTVAVVDIGAT(MSE)TTLSVLHNGRTIYTREQLFGG
RQLTEEIQRRYGLSVEEAGLAKKQGGLPDDYDSEVLRPFKDAVVQQVSRSLQFFFAAGQFNDVDYIVLAGGTASIQDLDR
LIQQKIGTPTLVANPFAD(MSE)ALNGKVNAGALASDAPAL(MSE)IACGLALRSFD
;
_entity_poly.pdbx_strand_id   A,B
#
# COMPACT_ATOMS: atom_id res chain seq x y z
N SER A 2 4.53 -5.17 22.80
CA SER A 2 5.79 -5.57 22.18
C SER A 2 5.57 -6.03 20.75
N HIS A 3 4.42 -5.67 20.20
CA HIS A 3 4.09 -5.82 18.78
C HIS A 3 4.45 -4.54 18.03
N LEU A 5 7.46 -4.23 17.94
CA LEU A 5 8.66 -4.72 17.33
C LEU A 5 8.47 -5.03 15.89
N GLY A 6 9.43 -4.63 15.09
CA GLY A 6 9.44 -4.85 13.68
C GLY A 6 10.84 -5.14 13.26
N LEU A 7 11.51 -5.90 14.07
CA LEU A 7 12.88 -6.33 13.81
C LEU A 7 12.92 -7.27 12.61
N ILE A 8 11.79 -7.87 12.33
CA ILE A 8 11.65 -8.68 11.17
C ILE A 8 10.80 -7.92 10.20
N LYS A 9 11.18 -7.88 8.94
CA LYS A 9 10.40 -7.05 8.03
C LYS A 9 9.07 -7.66 7.68
N LYS A 10 8.02 -6.87 7.82
CA LYS A 10 6.70 -7.32 7.43
C LYS A 10 6.67 -7.41 5.92
N LYS A 11 6.06 -8.48 5.44
CA LYS A 11 6.05 -8.75 4.02
C LYS A 11 4.96 -9.76 3.76
N ALA A 12 4.81 -10.12 2.49
CA ALA A 12 4.07 -11.31 2.11
C ALA A 12 2.66 -11.44 2.62
N ASN A 13 1.85 -10.40 2.44
CA ASN A 13 0.44 -10.54 2.72
C ASN A 13 -0.39 -10.10 1.53
N THR A 14 -0.29 -10.85 0.44
CA THR A 14 -0.99 -10.52 -0.77
C THR A 14 -2.17 -11.46 -0.93
N LEU A 15 -3.33 -10.92 -1.22
CA LEU A 15 -4.56 -11.70 -1.17
C LEU A 15 -5.18 -11.79 -2.57
N LEU A 16 -5.83 -12.91 -2.87
CA LEU A 16 -6.52 -13.06 -4.14
C LEU A 16 -7.77 -12.21 -4.19
N GLY A 17 -7.98 -11.55 -5.32
CA GLY A 17 -9.22 -10.83 -5.55
C GLY A 17 -10.24 -11.77 -6.18
N ILE A 18 -11.22 -12.18 -5.38
CA ILE A 18 -12.25 -13.10 -5.85
C ILE A 18 -13.61 -12.42 -5.98
N ASP A 19 -14.01 -12.12 -7.21
CA ASP A 19 -15.31 -11.52 -7.47
C ASP A 19 -16.34 -12.58 -7.82
N ILE A 20 -17.24 -12.87 -6.89
CA ILE A 20 -18.32 -13.82 -7.11
C ILE A 20 -19.61 -13.09 -7.47
N SER A 21 -20.11 -13.34 -8.68
CA SER A 21 -21.35 -12.73 -9.13
C SER A 21 -22.44 -13.78 -9.32
N SER A 22 -23.43 -13.45 -10.14
CA SER A 22 -24.56 -14.34 -10.38
C SER A 22 -24.26 -15.37 -11.46
N THR A 23 -23.35 -15.04 -12.37
CA THR A 23 -23.08 -15.90 -13.51
C THR A 23 -21.62 -16.35 -13.62
N SER A 24 -20.71 -15.73 -12.87
CA SER A 24 -19.32 -16.12 -12.95
C SER A 24 -18.50 -15.84 -11.70
N VAL A 25 -17.32 -16.44 -11.65
CA VAL A 25 -16.34 -16.18 -10.61
C VAL A 25 -15.09 -15.61 -11.27
N LYS A 26 -14.62 -14.47 -10.77
CA LYS A 26 -13.44 -13.83 -11.34
C LYS A 26 -12.31 -13.78 -10.31
N LEU A 27 -11.12 -14.20 -10.72
CA LEU A 27 -9.96 -14.17 -9.86
C LEU A 27 -8.92 -13.21 -10.43
N LEU A 28 -8.28 -12.45 -9.55
CA LEU A 28 -7.21 -11.56 -9.95
C LEU A 28 -6.16 -11.47 -8.84
N GLU A 29 -4.89 -11.60 -9.22
CA GLU A 29 -3.80 -11.47 -8.26
C GLU A 29 -2.86 -10.32 -8.64
N LEU A 30 -2.63 -9.42 -7.70
CA LEU A 30 -1.75 -8.29 -7.92
C LEU A 30 -0.51 -8.36 -7.03
N SER A 31 0.60 -7.83 -7.54
CA SER A 31 1.78 -7.60 -6.72
C SER A 31 2.16 -6.14 -6.85
N ARG A 32 3.21 -5.72 -6.15
CA ARG A 32 3.60 -4.32 -6.16
C ARG A 32 5.12 -4.14 -6.13
N SER A 33 5.59 -3.11 -6.83
CA SER A 33 6.99 -2.76 -6.86
C SER A 33 7.18 -1.27 -6.54
N GLY A 34 7.07 -0.95 -5.25
CA GLY A 34 7.08 0.44 -4.82
C GLY A 34 5.66 0.98 -4.78
N GLY A 35 5.27 1.69 -5.83
CA GLY A 35 3.89 2.15 -5.98
C GLY A 35 3.25 1.53 -7.20
N ARG A 36 4.09 1.02 -8.10
CA ARG A 36 3.64 0.43 -9.35
C ARG A 36 3.05 -0.97 -9.15
N TYR A 37 1.86 -1.20 -9.69
CA TYR A 37 1.20 -2.50 -9.55
C TYR A 37 1.53 -3.44 -10.71
N LYS A 38 1.29 -4.72 -10.49
CA LYS A 38 1.56 -5.74 -11.49
C LYS A 38 0.49 -6.82 -11.45
N VAL A 39 0.04 -7.27 -12.61
CA VAL A 39 -0.93 -8.36 -12.68
C VAL A 39 -0.23 -9.70 -12.70
N GLU A 40 -0.34 -10.45 -11.61
CA GLU A 40 0.33 -11.74 -11.50
C GLU A 40 -0.50 -12.86 -12.10
N ALA A 41 -1.77 -12.95 -11.72
CA ALA A 41 -2.64 -14.03 -12.17
C ALA A 41 -4.05 -13.54 -12.48
N TYR A 42 -4.77 -14.30 -13.31
CA TYR A 42 -6.13 -13.95 -13.70
C TYR A 42 -6.86 -15.11 -14.36
N ALA A 43 -8.10 -15.35 -13.95
CA ALA A 43 -8.93 -16.37 -14.58
C ALA A 43 -10.43 -16.09 -14.37
N VAL A 44 -11.26 -16.62 -15.27
CA VAL A 44 -12.71 -16.48 -15.15
C VAL A 44 -13.40 -17.83 -15.32
N GLU A 45 -14.26 -18.18 -14.36
CA GLU A 45 -15.05 -19.40 -14.45
C GLU A 45 -16.54 -19.10 -14.34
N PRO A 46 -17.32 -19.54 -15.34
CA PRO A 46 -18.77 -19.38 -15.29
C PRO A 46 -19.37 -20.23 -14.17
N LEU A 47 -20.47 -19.77 -13.59
CA LEU A 47 -21.15 -20.52 -12.55
C LEU A 47 -22.27 -21.37 -13.14
N PRO A 48 -22.52 -22.54 -12.53
CA PRO A 48 -23.68 -23.35 -12.93
C PRO A 48 -24.96 -22.55 -12.71
N PRO A 49 -25.99 -22.82 -13.51
CA PRO A 49 -27.24 -22.06 -13.37
C PRO A 49 -27.88 -22.28 -12.00
N ASN A 50 -28.53 -21.24 -11.48
CA ASN A 50 -29.22 -21.28 -10.19
C ASN A 50 -28.27 -21.48 -9.01
N ALA A 51 -26.98 -21.24 -9.23
CA ALA A 51 -26.00 -21.33 -8.14
C ALA A 51 -25.97 -20.02 -7.37
N VAL A 52 -26.08 -18.90 -8.10
CA VAL A 52 -26.15 -17.58 -7.48
C VAL A 52 -27.24 -16.75 -8.11
N VAL A 53 -28.38 -16.65 -7.45
CA VAL A 53 -29.44 -15.75 -7.90
C VAL A 53 -29.31 -14.43 -7.15
N GLU A 54 -29.50 -13.32 -7.86
CA GLU A 54 -29.25 -11.99 -7.33
C GLU A 54 -27.84 -11.93 -6.75
N LYS A 55 -27.74 -11.56 -5.47
CA LYS A 55 -26.45 -11.55 -4.78
C LYS A 55 -26.37 -12.68 -3.77
N ASN A 56 -27.36 -13.58 -3.82
CA ASN A 56 -27.42 -14.68 -2.87
C ASN A 56 -26.94 -16.01 -3.44
N ILE A 57 -25.95 -16.60 -2.78
CA ILE A 57 -25.48 -17.93 -3.14
C ILE A 57 -26.49 -18.98 -2.72
N VAL A 58 -26.86 -19.86 -3.65
CA VAL A 58 -27.85 -20.91 -3.38
C VAL A 58 -27.20 -22.29 -3.41
N GLU A 59 -26.40 -22.54 -4.44
CA GLU A 59 -25.68 -23.81 -4.56
C GLU A 59 -24.23 -23.64 -4.12
N LEU A 60 -23.96 -24.01 -2.87
CA LEU A 60 -22.65 -23.82 -2.27
C LEU A 60 -21.56 -24.63 -2.97
N GLU A 61 -21.87 -25.90 -3.25
CA GLU A 61 -20.91 -26.79 -3.88
C GLU A 61 -20.59 -26.35 -5.31
N GLY A 62 -21.59 -25.77 -5.98
CA GLY A 62 -21.40 -25.26 -7.33
C GLY A 62 -20.43 -24.10 -7.40
N VAL A 63 -20.53 -23.18 -6.44
CA VAL A 63 -19.61 -22.04 -6.37
C VAL A 63 -18.22 -22.51 -6.00
N GLY A 64 -18.14 -23.45 -5.06
CA GLY A 64 -16.87 -24.02 -4.65
C GLY A 64 -16.15 -24.69 -5.79
N GLN A 65 -16.89 -25.44 -6.60
CA GLN A 65 -16.33 -26.13 -7.76
C GLN A 65 -15.84 -25.15 -8.83
N ALA A 66 -16.61 -24.10 -9.05
CA ALA A 66 -16.19 -23.05 -9.98
C ALA A 66 -14.94 -22.36 -9.44
N LEU A 67 -14.88 -22.19 -8.12
CA LEU A 67 -13.72 -21.62 -7.47
C LEU A 67 -12.51 -22.53 -7.62
N SER A 68 -12.72 -23.83 -7.48
CA SER A 68 -11.66 -24.81 -7.69
C SER A 68 -11.11 -24.71 -9.11
N ARG A 69 -12.00 -24.62 -10.09
CA ARG A 69 -11.60 -24.52 -11.49
C ARG A 69 -10.96 -23.17 -11.85
N VAL A 70 -11.38 -22.08 -11.19
CA VAL A 70 -10.78 -20.79 -11.50
C VAL A 70 -9.34 -20.70 -10.95
N LEU A 71 -9.07 -21.46 -9.89
CA LEU A 71 -7.72 -21.52 -9.33
C LEU A 71 -6.74 -22.18 -10.30
N VAL A 72 -7.15 -23.30 -10.88
CA VAL A 72 -6.29 -24.04 -11.80
C VAL A 72 -5.89 -23.20 -13.01
N LYS A 73 -6.87 -22.51 -13.60
CA LYS A 73 -6.61 -21.71 -14.80
C LYS A 73 -5.75 -20.49 -14.49
N ALA A 74 -5.88 -19.97 -13.27
CA ALA A 74 -5.11 -18.80 -12.85
C ALA A 74 -3.65 -19.18 -12.53
N LYS A 75 -3.47 -20.42 -12.08
CA LYS A 75 -2.15 -20.95 -11.70
C LYS A 75 -1.48 -20.09 -10.63
N THR A 76 -2.08 -20.01 -9.46
CA THR A 76 -1.53 -19.23 -8.36
C THR A 76 -1.35 -20.07 -7.09
N ASN A 77 -0.35 -19.70 -6.29
CA ASN A 77 -0.07 -20.42 -5.05
C ASN A 77 -0.76 -19.79 -3.84
N LEU A 78 -1.28 -18.58 -4.04
CA LEU A 78 -2.03 -17.87 -3.00
C LEU A 78 -3.27 -18.65 -2.59
N LYS A 79 -3.49 -18.78 -1.28
CA LYS A 79 -4.68 -19.47 -0.79
C LYS A 79 -5.55 -18.59 0.09
N SER A 80 -5.19 -17.31 0.19
CA SER A 80 -5.99 -16.35 0.95
C SER A 80 -6.62 -15.35 -0.01
N ALA A 81 -7.84 -14.92 0.30
CA ALA A 81 -8.59 -14.10 -0.66
C ALA A 81 -9.42 -13.01 -0.02
N VAL A 82 -9.70 -11.97 -0.81
CA VAL A 82 -10.66 -10.94 -0.44
C VAL A 82 -11.94 -11.13 -1.23
N VAL A 83 -13.04 -11.37 -0.52
CA VAL A 83 -14.34 -11.46 -1.16
C VAL A 83 -15.23 -10.33 -0.67
N ALA A 84 -16.36 -10.11 -1.35
CA ALA A 84 -17.19 -8.95 -1.03
C ALA A 84 -18.66 -9.30 -0.90
N VAL A 85 -19.34 -8.52 -0.07
CA VAL A 85 -20.80 -8.52 -0.05
C VAL A 85 -21.27 -7.25 -0.73
N ALA A 86 -22.53 -7.22 -1.15
CA ALA A 86 -23.10 -6.01 -1.73
C ALA A 86 -23.38 -4.99 -0.63
N GLY A 87 -23.20 -3.71 -0.94
CA GLY A 87 -23.46 -2.64 0.00
C GLY A 87 -24.90 -2.62 0.49
N SER A 88 -25.81 -3.15 -0.31
CA SER A 88 -27.22 -3.21 0.05
C SER A 88 -27.47 -4.19 1.20
N ALA A 89 -26.49 -5.06 1.44
CA ALA A 89 -26.60 -6.03 2.53
C ALA A 89 -25.99 -5.49 3.82
N VAL A 90 -25.41 -4.30 3.75
CA VAL A 90 -24.72 -3.71 4.89
C VAL A 90 -25.40 -2.44 5.40
N ILE A 91 -25.66 -2.39 6.71
CA ILE A 91 -26.22 -1.20 7.35
C ILE A 91 -25.13 -0.47 8.12
N THR A 92 -25.12 0.86 8.01
CA THR A 92 -24.12 1.67 8.69
C THR A 92 -24.77 2.62 9.69
N LYS A 93 -24.23 2.65 10.90
CA LYS A 93 -24.81 3.44 11.99
C LYS A 93 -23.70 3.95 12.92
N THR A 94 -23.84 5.19 13.37
CA THR A 94 -22.92 5.75 14.36
C THR A 94 -23.61 5.84 15.72
N ILE A 95 -23.10 5.12 16.70
CA ILE A 95 -23.70 5.12 18.03
C ILE A 95 -22.74 5.65 19.08
N GLU A 96 -23.27 5.92 20.27
CA GLU A 96 -22.49 6.50 21.34
C GLU A 96 -22.25 5.47 22.47
N GLU A 98 -19.66 3.95 26.03
CA GLU A 98 -18.83 4.25 27.18
C GLU A 98 -17.36 4.36 26.77
N ALA A 99 -16.67 5.36 27.30
CA ALA A 99 -15.26 5.56 26.99
C ALA A 99 -14.38 4.85 27.99
N GLY A 100 -13.13 4.61 27.61
CA GLY A 100 -12.18 3.92 28.48
C GLY A 100 -12.22 2.41 28.29
N LEU A 101 -13.10 1.93 27.42
CA LEU A 101 -13.17 0.51 27.12
C LEU A 101 -12.24 0.15 25.96
N SER A 102 -11.50 -0.94 26.10
CA SER A 102 -10.67 -1.44 25.01
C SER A 102 -11.56 -1.95 23.88
N GLU A 103 -10.96 -2.22 22.73
CA GLU A 103 -11.69 -2.68 21.58
C GLU A 103 -12.36 -4.03 21.82
N ASP A 104 -11.62 -4.94 22.44
CA ASP A 104 -12.13 -6.24 22.85
C ASP A 104 -13.28 -6.06 23.85
N GLU A 105 -13.08 -5.17 24.81
CA GLU A 105 -14.10 -4.80 25.79
C GLU A 105 -15.33 -4.27 25.05
N LEU A 106 -15.08 -3.44 24.04
CA LEU A 106 -16.13 -2.75 23.30
C LEU A 106 -16.97 -3.69 22.45
N GLU A 107 -16.32 -4.69 21.84
CA GLU A 107 -17.00 -5.62 20.95
C GLU A 107 -18.03 -6.47 21.69
N ASN A 108 -17.66 -6.95 22.87
CA ASN A 108 -18.56 -7.78 23.66
C ASN A 108 -19.82 -7.02 24.04
N GLN A 109 -19.65 -5.81 24.55
CA GLN A 109 -20.80 -4.99 24.94
C GLN A 109 -21.59 -4.50 23.73
N LEU A 110 -20.94 -4.45 22.57
CA LEU A 110 -21.56 -3.92 21.37
C LEU A 110 -22.67 -4.84 20.87
N LYS A 111 -22.56 -6.13 21.19
CA LYS A 111 -23.60 -7.08 20.84
C LYS A 111 -24.96 -6.66 21.41
N ILE A 112 -24.97 -6.33 22.70
CA ILE A 112 -26.19 -5.91 23.38
C ILE A 112 -26.72 -4.57 22.86
N GLU A 113 -25.81 -3.62 22.64
CA GLU A 113 -26.18 -2.25 22.31
C GLU A 113 -26.53 -2.03 20.84
N ALA A 114 -25.87 -2.77 19.95
CA ALA A 114 -26.11 -2.61 18.52
C ALA A 114 -27.51 -3.04 18.11
N ASP A 115 -28.09 -3.98 18.85
CA ASP A 115 -29.40 -4.55 18.49
C ASP A 115 -30.50 -3.50 18.27
N GLN A 116 -30.56 -2.49 19.14
CA GLN A 116 -31.58 -1.43 19.04
C GLN A 116 -31.51 -0.68 17.70
N TYR A 117 -30.32 -0.64 17.10
CA TYR A 117 -30.07 0.22 15.96
C TYR A 117 -29.98 -0.53 14.63
N ILE A 118 -29.84 -1.85 14.69
CA ILE A 118 -29.65 -2.65 13.49
C ILE A 118 -30.85 -3.54 13.18
N PRO A 119 -31.21 -3.65 11.90
CA PRO A 119 -32.39 -4.43 11.49
C PRO A 119 -32.13 -5.94 11.37
N TYR A 120 -31.09 -6.45 12.02
CA TYR A 120 -30.79 -7.89 11.94
C TYR A 120 -31.00 -8.58 13.28
N PRO A 121 -31.29 -9.91 13.25
CA PRO A 121 -31.43 -10.68 14.49
C PRO A 121 -30.15 -10.71 15.30
N LEU A 122 -30.27 -10.70 16.62
CA LEU A 122 -29.12 -10.58 17.53
C LEU A 122 -28.08 -11.67 17.30
N GLU A 123 -28.55 -12.90 17.08
CA GLU A 123 -27.66 -14.04 16.91
C GLU A 123 -27.34 -14.33 15.45
N GLU A 124 -27.81 -13.47 14.56
CA GLU A 124 -27.63 -13.70 13.13
C GLU A 124 -26.95 -12.53 12.44
N VAL A 125 -26.23 -11.72 13.22
CA VAL A 125 -25.62 -10.51 12.70
C VAL A 125 -24.10 -10.57 12.78
N ALA A 126 -23.44 -10.05 11.75
CA ALA A 126 -22.00 -9.87 11.78
C ALA A 126 -21.69 -8.37 11.89
N ILE A 127 -21.05 -7.98 12.99
CA ILE A 127 -20.85 -6.57 13.28
C ILE A 127 -19.38 -6.16 13.21
N ASP A 128 -19.10 -5.17 12.37
CA ASP A 128 -17.78 -4.56 12.31
C ASP A 128 -17.86 -3.16 12.90
N PHE A 129 -16.83 -2.75 13.63
CA PHE A 129 -16.88 -1.44 14.28
C PHE A 129 -15.53 -0.71 14.30
N GLU A 130 -15.61 0.61 14.38
CA GLU A 130 -14.42 1.44 14.48
C GLU A 130 -14.72 2.69 15.32
N VAL A 131 -13.93 2.89 16.36
CA VAL A 131 -14.04 4.08 17.19
C VAL A 131 -13.62 5.32 16.40
N GLN A 132 -14.47 6.35 16.39
CA GLN A 132 -14.18 7.55 15.63
C GLN A 132 -13.44 8.59 16.47
N GLY A 133 -13.84 8.70 17.74
CA GLY A 133 -13.24 9.65 18.65
C GLY A 133 -14.18 9.98 19.78
N LEU A 134 -13.85 11.00 20.58
CA LEU A 134 -14.73 11.44 21.66
C LEU A 134 -16.02 12.00 21.08
N SER A 135 -17.14 11.73 21.75
CA SER A 135 -18.43 12.28 21.34
C SER A 135 -18.43 13.79 21.53
N ALA A 136 -18.99 14.52 20.57
CA ALA A 136 -19.07 15.97 20.67
C ALA A 136 -20.10 16.38 21.72
N ARG A 137 -21.20 15.64 21.78
CA ARG A 137 -22.26 15.89 22.76
C ARG A 137 -21.78 15.67 24.19
N ASN A 138 -20.95 14.65 24.38
CA ASN A 138 -20.41 14.33 25.70
C ASN A 138 -19.05 13.67 25.60
N PRO A 139 -17.99 14.40 26.01
CA PRO A 139 -16.59 13.94 25.97
C PRO A 139 -16.32 12.75 26.88
N GLU A 140 -17.28 12.37 27.72
CA GLU A 140 -17.12 11.18 28.57
C GLU A 140 -17.50 9.93 27.80
N ARG A 141 -18.10 10.14 26.62
CA ARG A 141 -18.50 9.04 25.75
C ARG A 141 -17.80 9.13 24.41
N VAL A 142 -17.76 8.02 23.68
CA VAL A 142 -17.13 7.99 22.38
C VAL A 142 -18.12 7.69 21.26
N ASP A 143 -17.82 8.17 20.06
CA ASP A 143 -18.60 7.82 18.88
C ASP A 143 -17.99 6.59 18.22
N VAL A 144 -18.82 5.59 17.98
CA VAL A 144 -18.37 4.37 17.36
C VAL A 144 -19.16 4.10 16.08
N LEU A 145 -18.45 3.92 14.98
CA LEU A 145 -19.08 3.57 13.72
C LEU A 145 -19.28 2.07 13.65
N LEU A 146 -20.51 1.63 13.45
CA LEU A 146 -20.75 0.21 13.29
C LEU A 146 -21.32 -0.08 11.90
N ALA A 147 -20.89 -1.19 11.33
CA ALA A 147 -21.41 -1.65 10.06
C ALA A 147 -21.79 -3.11 10.21
N ALA A 148 -23.04 -3.44 9.87
CA ALA A 148 -23.55 -4.77 10.11
C ALA A 148 -24.18 -5.38 8.86
N CYS A 149 -24.13 -6.71 8.81
CA CYS A 149 -24.83 -7.47 7.79
C CYS A 149 -25.23 -8.79 8.40
N ARG A 150 -26.09 -9.53 7.70
CA ARG A 150 -26.47 -10.85 8.15
C ARG A 150 -25.24 -11.76 8.20
N LYS A 151 -25.11 -12.49 9.30
CA LYS A 151 -24.00 -13.42 9.52
C LYS A 151 -23.85 -14.38 8.35
N GLU A 152 -24.98 -14.80 7.80
CA GLU A 152 -25.03 -15.79 6.73
C GLU A 152 -24.25 -15.35 5.49
N ASN A 153 -24.30 -14.06 5.17
CA ASN A 153 -23.61 -13.55 3.99
C ASN A 153 -22.10 -13.75 4.08
N VAL A 154 -21.57 -13.65 5.29
CA VAL A 154 -20.15 -13.87 5.53
C VAL A 154 -19.85 -15.37 5.51
N GLU A 155 -20.65 -16.14 6.22
CA GLU A 155 -20.42 -17.57 6.41
C GLU A 155 -20.51 -18.37 5.11
N VAL A 156 -21.43 -17.99 4.21
CA VAL A 156 -21.61 -18.75 2.99
C VAL A 156 -20.44 -18.55 2.02
N ARG A 157 -19.90 -17.33 1.97
CA ARG A 157 -18.74 -17.06 1.12
C ARG A 157 -17.49 -17.65 1.75
N GLU A 158 -17.48 -17.70 3.08
CA GLU A 158 -16.41 -18.32 3.83
C GLU A 158 -16.38 -19.81 3.55
N ALA A 159 -17.56 -20.43 3.51
CA ALA A 159 -17.66 -21.87 3.25
C ALA A 159 -17.39 -22.20 1.78
N ALA A 160 -17.87 -21.35 0.88
CA ALA A 160 -17.65 -21.54 -0.55
C ALA A 160 -16.16 -21.57 -0.88
N LEU A 161 -15.40 -20.68 -0.25
CA LEU A 161 -13.97 -20.60 -0.49
C LEU A 161 -13.24 -21.80 0.10
N ALA A 162 -13.70 -22.26 1.25
CA ALA A 162 -13.10 -23.40 1.93
C ALA A 162 -13.16 -24.65 1.06
N LEU A 163 -14.27 -24.83 0.35
CA LEU A 163 -14.46 -25.96 -0.55
C LEU A 163 -13.43 -25.97 -1.67
N ALA A 164 -12.82 -24.83 -1.94
CA ALA A 164 -11.79 -24.74 -2.96
C ALA A 164 -10.41 -24.57 -2.34
N GLY A 165 -10.35 -24.74 -1.02
CA GLY A 165 -9.09 -24.63 -0.30
C GLY A 165 -8.66 -23.20 -0.07
N LEU A 166 -9.55 -22.25 -0.34
CA LEU A 166 -9.24 -20.84 -0.15
C LEU A 166 -9.75 -20.34 1.20
N THR A 167 -9.09 -19.31 1.72
CA THR A 167 -9.50 -18.67 2.97
C THR A 167 -9.89 -17.22 2.73
N ALA A 168 -11.03 -16.81 3.28
CA ALA A 168 -11.45 -15.42 3.21
C ALA A 168 -10.84 -14.64 4.36
N LYS A 169 -9.73 -13.96 4.13
CA LYS A 169 -9.10 -13.16 5.16
C LYS A 169 -9.79 -11.81 5.34
N VAL A 170 -10.42 -11.35 4.26
CA VAL A 170 -11.17 -10.11 4.31
C VAL A 170 -12.50 -10.22 3.58
N VAL A 171 -13.58 -9.91 4.28
CA VAL A 171 -14.89 -9.77 3.64
C VAL A 171 -15.13 -8.28 3.38
N ASP A 172 -14.88 -7.88 2.15
CA ASP A 172 -14.97 -6.48 1.74
C ASP A 172 -16.41 -6.12 1.37
N VAL A 173 -16.62 -4.85 0.98
CA VAL A 173 -17.88 -4.43 0.38
C VAL A 173 -17.58 -4.04 -1.06
N GLU A 174 -18.45 -4.44 -1.99
CA GLU A 174 -18.19 -4.23 -3.42
C GLU A 174 -17.98 -2.76 -3.77
N ALA A 175 -18.71 -1.88 -3.10
CA ALA A 175 -18.58 -0.44 -3.31
C ALA A 175 -17.16 0.04 -3.01
N TYR A 176 -16.55 -0.53 -1.98
CA TYR A 176 -15.19 -0.15 -1.60
C TYR A 176 -14.21 -0.63 -2.66
N ALA A 177 -14.46 -1.84 -3.18
CA ALA A 177 -13.61 -2.41 -4.22
C ALA A 177 -13.65 -1.57 -5.49
N LEU A 178 -14.84 -1.07 -5.83
CA LEU A 178 -14.98 -0.22 -7.00
C LEU A 178 -14.15 1.05 -6.86
N GLU A 179 -14.17 1.67 -5.68
CA GLU A 179 -13.43 2.90 -5.43
C GLU A 179 -11.91 2.73 -5.59
N ARG A 180 -11.39 1.56 -5.21
CA ARG A 180 -9.96 1.30 -5.29
C ARG A 180 -9.48 1.15 -6.73
N SER A 181 -10.25 0.43 -7.55
CA SER A 181 -9.90 0.26 -8.96
C SER A 181 -10.19 1.51 -9.76
N TYR A 182 -11.17 2.30 -9.31
CA TYR A 182 -11.48 3.57 -9.98
C TYR A 182 -10.35 4.59 -9.80
N ALA A 183 -9.70 4.54 -8.64
CA ALA A 183 -8.60 5.45 -8.33
C ALA A 183 -7.44 5.26 -9.31
N LEU A 184 -7.36 4.08 -9.90
CA LEU A 184 -6.30 3.76 -10.86
C LEU A 184 -6.60 4.30 -12.26
N LEU A 185 -7.83 4.75 -12.48
CA LEU A 185 -8.23 5.22 -13.81
C LEU A 185 -7.75 6.63 -14.10
N SER A 186 -7.05 7.23 -13.15
CA SER A 186 -6.56 8.61 -13.27
C SER A 186 -5.85 8.90 -14.59
N SER A 187 -5.01 7.98 -15.02
CA SER A 187 -4.27 8.14 -16.26
C SER A 187 -5.19 8.20 -17.48
N GLN A 188 -5.97 7.16 -17.68
CA GLN A 188 -6.84 7.09 -18.84
C GLN A 188 -7.92 8.15 -18.83
N LEU A 189 -8.24 8.63 -17.65
CA LEU A 189 -9.29 9.63 -17.49
C LEU A 189 -8.76 11.02 -17.79
N GLY A 190 -7.44 11.12 -17.96
CA GLY A 190 -6.80 12.38 -18.30
C GLY A 190 -6.77 13.40 -17.16
N ALA A 191 -7.05 12.93 -15.95
CA ALA A 191 -7.06 13.79 -14.78
C ALA A 191 -6.93 12.98 -13.50
N ASP A 192 -6.46 13.63 -12.44
CA ASP A 192 -6.31 12.97 -11.15
C ASP A 192 -7.67 12.54 -10.58
N THR A 193 -7.77 11.29 -10.16
CA THR A 193 -9.00 10.78 -9.56
C THR A 193 -9.40 11.54 -8.29
N ASP A 194 -8.42 12.20 -7.67
CA ASP A 194 -8.62 12.94 -6.43
C ASP A 194 -9.45 14.22 -6.62
N GLN A 195 -9.52 14.73 -7.85
CA GLN A 195 -10.30 15.93 -8.15
C GLN A 195 -11.13 15.72 -9.42
N LEU A 196 -12.18 14.91 -9.30
CA LEU A 196 -13.01 14.56 -10.45
C LEU A 196 -14.38 14.01 -10.03
N THR A 197 -15.40 14.26 -10.84
CA THR A 197 -16.72 13.69 -10.62
C THR A 197 -17.09 12.72 -11.75
N VAL A 198 -17.25 11.45 -11.42
CA VAL A 198 -17.42 10.40 -12.43
C VAL A 198 -18.57 9.45 -12.14
N ALA A 199 -19.41 9.22 -13.15
CA ALA A 199 -20.50 8.25 -13.05
C ALA A 199 -20.07 6.90 -13.62
N VAL A 200 -19.87 5.92 -12.76
CA VAL A 200 -19.49 4.58 -13.19
C VAL A 200 -20.72 3.74 -13.46
N VAL A 201 -20.87 3.28 -14.70
CA VAL A 201 -21.97 2.40 -15.07
C VAL A 201 -21.48 0.98 -15.29
N ASP A 202 -21.65 0.14 -14.28
CA ASP A 202 -21.28 -1.27 -14.36
C ASP A 202 -22.43 -2.05 -14.98
N ILE A 203 -22.27 -2.45 -16.23
CA ILE A 203 -23.28 -3.25 -16.92
C ILE A 203 -22.91 -4.73 -16.88
N GLY A 204 -23.45 -5.44 -15.90
CA GLY A 204 -23.16 -6.86 -15.76
C GLY A 204 -24.03 -7.70 -16.67
N ALA A 205 -24.05 -9.00 -16.42
CA ALA A 205 -24.84 -9.91 -17.24
C ALA A 205 -26.32 -9.80 -16.91
N THR A 206 -26.65 -9.84 -15.62
CA THR A 206 -28.03 -9.76 -15.19
C THR A 206 -28.33 -8.49 -14.39
N THR A 208 -27.26 -3.99 -13.98
CA THR A 208 -26.54 -2.76 -14.23
C THR A 208 -26.50 -1.92 -12.95
N THR A 209 -25.37 -1.27 -12.68
CA THR A 209 -25.24 -0.47 -11.47
C THR A 209 -24.58 0.88 -11.75
N LEU A 210 -25.22 1.95 -11.32
CA LEU A 210 -24.64 3.28 -11.47
C LEU A 210 -24.01 3.73 -10.15
N SER A 211 -22.77 4.17 -10.21
CA SER A 211 -22.08 4.67 -9.02
C SER A 211 -21.38 6.00 -9.32
N VAL A 212 -21.82 7.06 -8.65
CA VAL A 212 -21.18 8.36 -8.81
C VAL A 212 -20.07 8.53 -7.78
N LEU A 213 -18.88 8.86 -8.27
CA LEU A 213 -17.74 9.06 -7.40
C LEU A 213 -17.24 10.51 -7.48
N HIS A 214 -17.29 11.19 -6.34
CA HIS A 214 -16.82 12.57 -6.26
C HIS A 214 -15.49 12.65 -5.52
N ASN A 215 -14.44 13.03 -6.24
CA ASN A 215 -13.09 13.15 -5.71
C ASN A 215 -12.53 11.84 -5.16
N GLY A 216 -13.15 10.72 -5.53
CA GLY A 216 -12.69 9.41 -5.15
C GLY A 216 -13.65 8.66 -4.25
N ARG A 217 -14.65 9.37 -3.72
CA ARG A 217 -15.61 8.75 -2.80
C ARG A 217 -17.00 8.62 -3.44
N THR A 218 -17.68 7.53 -3.12
CA THR A 218 -19.02 7.26 -3.65
C THR A 218 -20.06 8.13 -2.95
N ILE A 219 -20.85 8.87 -3.72
CA ILE A 219 -21.87 9.73 -3.15
C ILE A 219 -23.28 9.36 -3.64
N TYR A 220 -23.36 8.36 -4.50
CA TYR A 220 -24.64 7.91 -5.02
C TYR A 220 -24.55 6.51 -5.62
N THR A 221 -25.61 5.72 -5.46
CA THR A 221 -25.66 4.37 -6.03
C THR A 221 -27.09 3.93 -6.32
N ARG A 222 -27.31 3.51 -7.56
CA ARG A 222 -28.59 2.97 -7.98
C ARG A 222 -28.36 1.74 -8.85
N GLU A 223 -29.26 0.77 -8.76
CA GLU A 223 -29.10 -0.45 -9.55
C GLU A 223 -30.40 -0.94 -10.16
N GLN A 224 -30.29 -1.73 -11.23
CA GLN A 224 -31.45 -2.28 -11.93
C GLN A 224 -31.13 -3.68 -12.46
N LEU A 225 -32.18 -4.48 -12.67
CA LEU A 225 -32.00 -5.88 -13.06
C LEU A 225 -31.80 -6.06 -14.57
N PHE A 226 -31.26 -5.05 -15.23
CA PHE A 226 -31.01 -5.12 -16.67
C PHE A 226 -29.53 -5.39 -16.95
N GLY A 227 -29.25 -6.20 -17.97
CA GLY A 227 -27.87 -6.52 -18.33
C GLY A 227 -27.67 -7.18 -19.68
N GLY A 228 -26.48 -7.74 -19.89
CA GLY A 228 -26.12 -8.36 -21.14
C GLY A 228 -26.83 -9.67 -21.45
N ARG A 229 -27.47 -10.25 -20.43
CA ARG A 229 -28.21 -11.49 -20.61
C ARG A 229 -29.41 -11.23 -21.52
N GLN A 230 -29.96 -10.02 -21.42
CA GLN A 230 -31.02 -9.57 -22.32
C GLN A 230 -30.58 -9.70 -23.78
N LEU A 231 -29.37 -9.26 -24.08
CA LEU A 231 -28.80 -9.41 -25.41
C LEU A 231 -28.64 -10.89 -25.75
N THR A 232 -28.14 -11.66 -24.78
CA THR A 232 -27.94 -13.09 -24.95
C THR A 232 -29.27 -13.80 -25.18
N GLU A 233 -30.28 -13.44 -24.40
CA GLU A 233 -31.60 -14.06 -24.49
C GLU A 233 -32.29 -13.72 -25.81
N GLU A 234 -31.94 -12.57 -26.38
CA GLU A 234 -32.48 -12.17 -27.67
C GLU A 234 -31.78 -12.92 -28.80
N ILE A 235 -30.53 -13.30 -28.58
CA ILE A 235 -29.80 -14.12 -29.54
C ILE A 235 -30.30 -15.56 -29.48
N GLN A 236 -30.57 -16.02 -28.27
CA GLN A 236 -31.07 -17.37 -28.03
C GLN A 236 -32.32 -17.69 -28.85
N ARG A 237 -33.31 -16.80 -28.77
CA ARG A 237 -34.60 -17.03 -29.40
C ARG A 237 -34.58 -16.82 -30.91
N ARG A 238 -33.92 -15.74 -31.34
CA ARG A 238 -33.90 -15.36 -32.75
C ARG A 238 -33.22 -16.39 -33.63
N TYR A 239 -32.15 -17.00 -33.14
CA TYR A 239 -31.34 -17.90 -33.98
C TYR A 239 -31.30 -19.33 -33.45
N GLY A 240 -32.05 -19.59 -32.38
CA GLY A 240 -32.14 -20.94 -31.84
C GLY A 240 -30.84 -21.44 -31.26
N LEU A 241 -30.15 -20.58 -30.53
CA LEU A 241 -28.88 -20.94 -29.89
C LEU A 241 -29.07 -21.04 -28.38
N SER A 242 -28.24 -21.85 -27.73
CA SER A 242 -28.29 -21.97 -26.28
C SER A 242 -27.62 -20.78 -25.61
N VAL A 243 -27.59 -20.78 -24.28
CA VAL A 243 -26.93 -19.72 -23.53
C VAL A 243 -25.47 -19.59 -23.94
N GLU A 244 -24.77 -20.72 -23.96
CA GLU A 244 -23.35 -20.76 -24.28
C GLU A 244 -23.07 -20.26 -25.69
N GLU A 245 -23.78 -20.82 -26.67
CA GLU A 245 -23.58 -20.45 -28.07
C GLU A 245 -23.89 -18.98 -28.32
N ALA A 246 -24.99 -18.50 -27.75
CA ALA A 246 -25.39 -17.11 -27.90
C ALA A 246 -24.39 -16.18 -27.24
N GLY A 247 -23.95 -16.54 -26.04
CA GLY A 247 -22.97 -15.76 -25.31
C GLY A 247 -21.63 -15.73 -26.03
N LEU A 248 -21.26 -16.86 -26.62
CA LEU A 248 -20.03 -16.98 -27.38
C LEU A 248 -20.11 -16.18 -28.67
N ALA A 249 -21.27 -16.20 -29.31
CA ALA A 249 -21.49 -15.49 -30.56
C ALA A 249 -21.44 -13.98 -30.36
N LYS A 250 -21.82 -13.55 -29.16
CA LYS A 250 -21.85 -12.13 -28.82
C LYS A 250 -20.46 -11.50 -28.96
N LYS A 251 -19.44 -12.20 -28.48
CA LYS A 251 -18.08 -11.68 -28.52
C LYS A 251 -17.40 -11.99 -29.85
N GLN A 252 -17.56 -13.25 -30.24
CA GLN A 252 -16.97 -13.79 -31.42
C GLN A 252 -17.72 -13.17 -32.54
N GLY A 253 -19.05 -13.15 -32.43
CA GLY A 253 -19.93 -12.57 -33.44
C GLY A 253 -19.99 -13.06 -34.89
N GLY A 254 -20.32 -14.33 -35.08
CA GLY A 254 -20.38 -14.96 -36.39
C GLY A 254 -21.80 -14.89 -36.94
N LEU A 255 -22.59 -14.01 -36.37
CA LEU A 255 -24.04 -13.98 -36.59
C LEU A 255 -24.54 -13.48 -37.94
N PRO A 256 -25.81 -13.75 -38.22
CA PRO A 256 -26.45 -13.39 -39.48
C PRO A 256 -26.59 -11.88 -39.70
N ASP A 257 -26.54 -11.45 -40.95
CA ASP A 257 -26.53 -10.02 -41.28
C ASP A 257 -27.59 -9.21 -40.54
N ASP A 258 -28.72 -9.84 -40.21
CA ASP A 258 -29.83 -9.14 -39.58
C ASP A 258 -29.61 -8.92 -38.08
N TYR A 259 -28.45 -9.36 -37.58
CA TYR A 259 -28.13 -9.24 -36.17
C TYR A 259 -28.00 -7.80 -35.71
N ASP A 260 -27.29 -7.00 -36.50
CA ASP A 260 -27.00 -5.62 -36.13
C ASP A 260 -28.26 -4.76 -36.02
N SER A 261 -29.14 -4.87 -37.01
CA SER A 261 -30.32 -4.00 -37.08
C SER A 261 -31.49 -4.48 -36.23
N GLU A 262 -31.60 -5.79 -36.03
CA GLU A 262 -32.79 -6.35 -35.39
C GLU A 262 -32.59 -6.74 -33.92
N VAL A 263 -31.34 -6.89 -33.50
CA VAL A 263 -31.06 -7.33 -32.14
C VAL A 263 -30.04 -6.47 -31.41
N LEU A 264 -28.88 -6.28 -32.03
CA LEU A 264 -27.75 -5.61 -31.38
C LEU A 264 -28.00 -4.12 -31.13
N ARG A 265 -28.43 -3.42 -32.18
CA ARG A 265 -28.72 -1.98 -32.10
C ARG A 265 -29.86 -1.64 -31.16
N PRO A 266 -30.96 -2.39 -31.20
CA PRO A 266 -32.02 -2.14 -30.20
C PRO A 266 -31.53 -2.31 -28.77
N PHE A 267 -30.66 -3.27 -28.52
CA PHE A 267 -30.07 -3.42 -27.21
C PHE A 267 -29.20 -2.23 -26.87
N LYS A 268 -28.41 -1.78 -27.82
CA LYS A 268 -27.59 -0.59 -27.63
C LYS A 268 -28.44 0.59 -27.16
N ASP A 269 -29.59 0.77 -27.80
CA ASP A 269 -30.50 1.88 -27.47
C ASP A 269 -31.11 1.71 -26.09
N ALA A 270 -31.45 0.48 -25.73
CA ALA A 270 -32.02 0.19 -24.42
C ALA A 270 -31.03 0.50 -23.30
N VAL A 271 -29.75 0.33 -23.60
CA VAL A 271 -28.71 0.63 -22.64
C VAL A 271 -28.64 2.11 -22.42
N VAL A 272 -28.73 2.83 -23.51
CA VAL A 272 -28.69 4.29 -23.44
C VAL A 272 -29.85 4.83 -22.61
N GLN A 273 -31.04 4.29 -22.84
CA GLN A 273 -32.21 4.64 -22.04
C GLN A 273 -31.98 4.35 -20.56
N GLN A 274 -31.34 3.22 -20.30
CA GLN A 274 -31.02 2.80 -18.94
C GLN A 274 -30.08 3.80 -18.24
N VAL A 275 -29.00 4.16 -18.91
CA VAL A 275 -28.01 5.08 -18.35
C VAL A 275 -28.60 6.49 -18.19
N SER A 276 -29.42 6.89 -19.16
CA SER A 276 -29.99 8.24 -19.18
C SER A 276 -30.86 8.52 -17.95
N ARG A 277 -31.82 7.64 -17.69
CA ARG A 277 -32.72 7.80 -16.55
C ARG A 277 -31.94 7.87 -15.23
N SER A 278 -31.00 6.96 -15.06
CA SER A 278 -30.24 6.85 -13.82
C SER A 278 -29.45 8.12 -13.51
N LEU A 279 -28.93 8.77 -14.55
CA LEU A 279 -28.23 10.04 -14.37
C LEU A 279 -29.16 11.16 -13.93
N GLN A 280 -30.37 11.16 -14.48
CA GLN A 280 -31.37 12.17 -14.14
C GLN A 280 -31.79 12.01 -12.68
N PHE A 281 -31.85 10.76 -12.22
CA PHE A 281 -32.11 10.45 -10.83
C PHE A 281 -31.08 11.13 -9.92
N PHE A 282 -29.84 11.10 -10.31
CA PHE A 282 -28.78 11.60 -9.47
C PHE A 282 -28.67 13.13 -9.49
N PHE A 283 -28.96 13.72 -10.63
CA PHE A 283 -28.97 15.15 -10.71
C PHE A 283 -30.09 15.73 -9.86
N ALA A 284 -31.23 15.06 -9.86
CA ALA A 284 -32.40 15.51 -9.11
C ALA A 284 -32.30 15.04 -7.65
N ALA A 285 -31.14 14.52 -7.28
CA ALA A 285 -30.91 14.03 -5.93
C ALA A 285 -29.91 14.91 -5.18
N GLY A 286 -29.46 15.98 -5.82
CA GLY A 286 -28.49 16.86 -5.20
C GLY A 286 -28.07 18.06 -6.02
N GLN A 287 -26.99 18.70 -5.59
CA GLN A 287 -26.48 19.92 -6.21
C GLN A 287 -26.01 19.70 -7.64
N PHE A 288 -25.70 18.45 -7.98
CA PHE A 288 -25.07 18.13 -9.25
C PHE A 288 -26.00 18.29 -10.44
N ASN A 289 -25.54 19.02 -11.44
CA ASN A 289 -26.28 19.18 -12.69
C ASN A 289 -25.59 18.46 -13.83
N ASP A 290 -24.35 18.05 -13.60
CA ASP A 290 -23.57 17.36 -14.61
C ASP A 290 -22.46 16.51 -13.99
N VAL A 291 -22.02 15.50 -14.74
CA VAL A 291 -20.84 14.73 -14.37
C VAL A 291 -19.77 14.94 -15.42
N ASP A 292 -18.51 14.86 -15.02
CA ASP A 292 -17.41 15.13 -15.93
C ASP A 292 -17.19 13.98 -16.88
N TYR A 293 -17.28 12.76 -16.35
CA TYR A 293 -17.07 11.56 -17.14
C TYR A 293 -18.06 10.45 -16.81
N ILE A 294 -18.35 9.62 -17.81
CA ILE A 294 -19.07 8.37 -17.60
C ILE A 294 -18.14 7.22 -17.89
N VAL A 295 -17.95 6.34 -16.91
CA VAL A 295 -17.07 5.19 -17.08
C VAL A 295 -17.87 3.90 -17.23
N LEU A 296 -17.72 3.27 -18.39
CA LEU A 296 -18.38 2.00 -18.66
C LEU A 296 -17.60 0.84 -18.05
N ALA A 297 -18.29 0.05 -17.24
CA ALA A 297 -17.69 -1.14 -16.64
C ALA A 297 -18.61 -2.34 -16.83
N GLY A 298 -18.08 -3.53 -16.57
CA GLY A 298 -18.78 -4.76 -16.84
C GLY A 298 -18.42 -5.29 -18.22
N GLY A 299 -18.67 -6.57 -18.46
CA GLY A 299 -18.35 -7.19 -19.74
C GLY A 299 -19.14 -6.62 -20.90
N THR A 300 -20.39 -6.25 -20.63
CA THR A 300 -21.29 -5.72 -21.65
C THR A 300 -20.77 -4.38 -22.20
N ALA A 301 -19.91 -3.73 -21.45
CA ALA A 301 -19.31 -2.46 -21.85
C ALA A 301 -18.32 -2.62 -23.01
N SER A 302 -18.00 -3.87 -23.34
CA SER A 302 -17.04 -4.15 -24.40
C SER A 302 -17.70 -4.17 -25.78
N ILE A 303 -19.01 -3.94 -25.82
CA ILE A 303 -19.72 -3.79 -27.08
C ILE A 303 -19.13 -2.60 -27.83
N GLN A 304 -18.72 -2.84 -29.08
CA GLN A 304 -18.02 -1.82 -29.85
C GLN A 304 -18.85 -0.55 -30.03
N ASP A 305 -18.21 0.59 -29.78
CA ASP A 305 -18.82 1.90 -29.98
C ASP A 305 -20.05 2.13 -29.10
N LEU A 306 -20.21 1.32 -28.06
CA LEU A 306 -21.27 1.54 -27.10
C LEU A 306 -20.95 2.78 -26.28
N ASP A 307 -19.65 3.00 -26.06
CA ASP A 307 -19.17 4.16 -25.35
C ASP A 307 -19.41 5.46 -26.13
N ARG A 308 -19.25 5.38 -27.46
CA ARG A 308 -19.45 6.54 -28.31
C ARG A 308 -20.92 6.91 -28.41
N LEU A 309 -21.76 5.88 -28.49
CA LEU A 309 -23.21 6.05 -28.56
C LEU A 309 -23.74 6.78 -27.33
N ILE A 310 -23.35 6.28 -26.17
CA ILE A 310 -23.75 6.87 -24.89
C ILE A 310 -23.23 8.30 -24.76
N GLN A 311 -21.99 8.53 -25.17
CA GLN A 311 -21.39 9.86 -25.10
C GLN A 311 -22.15 10.88 -25.94
N GLN A 312 -22.58 10.46 -27.13
CA GLN A 312 -23.29 11.35 -28.05
C GLN A 312 -24.73 11.59 -27.63
N LYS A 313 -25.38 10.59 -27.05
CA LYS A 313 -26.79 10.69 -26.72
C LYS A 313 -27.06 11.32 -25.36
N ILE A 314 -26.01 11.45 -24.55
CA ILE A 314 -26.15 12.06 -23.22
C ILE A 314 -25.38 13.38 -23.17
N GLY A 315 -24.28 13.45 -23.91
CA GLY A 315 -23.50 14.68 -24.00
C GLY A 315 -22.40 14.74 -22.95
N THR A 316 -22.07 13.57 -22.40
CA THR A 316 -21.04 13.47 -21.38
C THR A 316 -19.92 12.56 -21.89
N PRO A 317 -18.66 12.98 -21.71
CA PRO A 317 -17.49 12.16 -22.08
C PRO A 317 -17.56 10.76 -21.50
N THR A 318 -17.29 9.75 -22.33
CA THR A 318 -17.45 8.36 -21.92
C THR A 318 -16.28 7.50 -22.39
N LEU A 319 -15.80 6.62 -21.52
CA LEU A 319 -14.76 5.68 -21.88
C LEU A 319 -15.00 4.33 -21.21
N VAL A 320 -14.41 3.28 -21.76
CA VAL A 320 -14.52 1.95 -21.18
C VAL A 320 -13.42 1.74 -20.14
N ALA A 321 -13.81 1.30 -18.95
CA ALA A 321 -12.88 1.14 -17.83
C ALA A 321 -11.73 0.18 -18.13
N ASN A 322 -10.52 0.59 -17.78
CA ASN A 322 -9.33 -0.24 -17.90
C ASN A 322 -8.39 0.00 -16.73
N PRO A 323 -8.55 -0.78 -15.65
CA PRO A 323 -7.77 -0.58 -14.42
C PRO A 323 -6.31 -1.03 -14.53
N PHE A 324 -5.94 -1.64 -15.65
CA PHE A 324 -4.60 -2.21 -15.80
C PHE A 324 -3.75 -1.41 -16.79
N ALA A 325 -4.13 -0.16 -17.02
CA ALA A 325 -3.44 0.69 -17.98
C ALA A 325 -1.97 0.92 -17.61
N ASP A 326 -1.73 1.31 -16.36
CA ASP A 326 -0.37 1.59 -15.90
C ASP A 326 0.23 0.40 -15.14
N ALA A 328 2.36 -3.40 -15.17
CA ALA A 328 3.14 -4.47 -15.78
C ALA A 328 2.34 -5.76 -15.69
N LEU A 329 2.68 -6.73 -16.54
CA LEU A 329 1.98 -8.00 -16.54
C LEU A 329 2.95 -9.16 -16.36
N ASN A 330 2.55 -10.14 -15.57
CA ASN A 330 3.31 -11.38 -15.46
C ASN A 330 3.29 -12.09 -16.80
N GLY A 331 4.38 -12.78 -17.12
CA GLY A 331 4.53 -13.45 -18.39
C GLY A 331 3.52 -14.55 -18.65
N LYS A 332 2.97 -15.11 -17.57
CA LYS A 332 1.98 -16.17 -17.69
C LYS A 332 0.59 -15.63 -17.98
N VAL A 333 0.41 -14.32 -17.80
CA VAL A 333 -0.88 -13.68 -18.02
C VAL A 333 -1.10 -13.30 -19.47
N ASN A 334 -2.21 -13.79 -20.04
CA ASN A 334 -2.57 -13.48 -21.41
C ASN A 334 -2.97 -12.02 -21.54
N ALA A 335 -2.10 -11.23 -22.18
CA ALA A 335 -2.31 -9.79 -22.31
C ALA A 335 -3.57 -9.46 -23.11
N GLY A 336 -3.80 -10.22 -24.18
CA GLY A 336 -4.94 -9.99 -25.04
C GLY A 336 -6.27 -10.27 -24.36
N ALA A 337 -6.36 -11.41 -23.69
CA ALA A 337 -7.58 -11.79 -22.99
C ALA A 337 -7.91 -10.80 -21.89
N LEU A 338 -6.89 -10.41 -21.13
CA LEU A 338 -7.06 -9.44 -20.05
C LEU A 338 -7.56 -8.11 -20.57
N ALA A 339 -7.04 -7.70 -21.73
CA ALA A 339 -7.41 -6.44 -22.35
C ALA A 339 -8.89 -6.41 -22.73
N SER A 340 -9.41 -7.55 -23.18
CA SER A 340 -10.79 -7.63 -23.64
C SER A 340 -11.75 -7.83 -22.48
N ASP A 341 -11.23 -8.27 -21.34
CA ASP A 341 -12.07 -8.54 -20.17
C ASP A 341 -11.89 -7.49 -19.08
N ALA A 342 -11.04 -6.50 -19.33
CA ALA A 342 -10.71 -5.48 -18.34
C ALA A 342 -11.93 -4.79 -17.69
N PRO A 343 -12.90 -4.29 -18.49
CA PRO A 343 -13.98 -3.56 -17.82
C PRO A 343 -14.85 -4.40 -16.90
N ALA A 344 -14.72 -5.72 -16.96
CA ALA A 344 -15.48 -6.60 -16.10
C ALA A 344 -14.67 -7.00 -14.86
N LEU A 345 -13.44 -6.53 -14.79
CA LEU A 345 -12.53 -6.92 -13.71
C LEU A 345 -12.32 -5.83 -12.67
N ILE A 347 -14.28 -4.87 -10.02
CA ILE A 347 -14.50 -5.35 -8.67
C ILE A 347 -13.37 -6.28 -8.23
N ALA A 348 -13.02 -7.23 -9.10
CA ALA A 348 -11.94 -8.16 -8.82
C ALA A 348 -10.62 -7.44 -8.58
N CYS A 349 -10.34 -6.41 -9.37
CA CYS A 349 -9.15 -5.61 -9.19
C CYS A 349 -9.19 -4.88 -7.85
N GLY A 350 -10.34 -4.29 -7.55
CA GLY A 350 -10.52 -3.58 -6.30
C GLY A 350 -10.36 -4.46 -5.07
N LEU A 351 -10.83 -5.70 -5.18
CA LEU A 351 -10.71 -6.65 -4.08
C LEU A 351 -9.25 -7.02 -3.81
N ALA A 352 -8.48 -7.17 -4.88
CA ALA A 352 -7.06 -7.51 -4.76
C ALA A 352 -6.24 -6.33 -4.23
N LEU A 353 -6.72 -5.10 -4.49
CA LEU A 353 -6.04 -3.90 -4.02
C LEU A 353 -6.16 -3.75 -2.51
N ARG A 354 -7.10 -4.49 -1.93
CA ARG A 354 -7.30 -4.50 -0.48
C ARG A 354 -6.08 -5.10 0.22
N SER A 355 -5.28 -5.87 -0.51
CA SER A 355 -4.05 -6.44 0.03
C SER A 355 -3.08 -5.36 0.50
N PHE A 356 -3.22 -4.16 -0.05
CA PHE A 356 -2.26 -3.09 0.22
C PHE A 356 -2.84 -1.99 1.09
N ASP A 357 -4.00 -2.27 1.70
CA ASP A 357 -4.62 -1.31 2.62
C ASP A 357 -4.33 -1.68 4.07
N SER B 2 -14.74 -11.98 13.53
CA SER B 2 -15.00 -10.61 13.10
C SER B 2 -13.73 -9.88 12.73
N HIS B 3 -12.59 -10.54 12.88
CA HIS B 3 -11.31 -9.97 12.48
C HIS B 3 -11.25 -9.80 10.95
N LEU B 5 -13.87 -9.11 9.02
CA LEU B 5 -14.88 -8.15 8.60
C LEU B 5 -14.23 -6.87 8.06
N GLY B 6 -14.64 -6.48 6.85
CA GLY B 6 -14.18 -5.25 6.24
C GLY B 6 -15.37 -4.44 5.77
N LEU B 7 -16.45 -4.52 6.54
CA LEU B 7 -17.67 -3.80 6.25
C LEU B 7 -17.46 -2.29 6.41
N ILE B 8 -16.52 -1.94 7.26
CA ILE B 8 -16.03 -0.58 7.35
C ILE B 8 -14.76 -0.51 6.52
N LYS B 9 -14.64 0.49 5.67
CA LYS B 9 -13.48 0.57 4.81
C LYS B 9 -12.24 0.78 5.62
N LYS B 10 -11.19 0.04 5.32
CA LYS B 10 -9.97 0.14 6.08
C LYS B 10 -9.37 1.47 5.74
N LYS B 11 -9.11 2.23 6.77
CA LYS B 11 -8.94 3.64 6.64
C LYS B 11 -7.62 3.98 7.27
N ASN B 13 -4.61 5.32 8.65
CA ASN B 13 -3.88 4.63 9.68
C ASN B 13 -2.39 4.93 9.61
N THR B 14 -2.06 6.14 9.23
CA THR B 14 -0.72 6.55 8.89
C THR B 14 0.13 6.84 10.10
N LEU B 15 1.42 6.62 9.98
CA LEU B 15 2.34 6.85 11.08
C LEU B 15 3.45 7.82 10.68
N LEU B 16 3.96 8.54 11.65
CA LEU B 16 5.05 9.48 11.41
C LEU B 16 6.37 8.75 11.19
N GLY B 17 7.11 9.17 10.18
CA GLY B 17 8.44 8.64 9.94
C GLY B 17 9.46 9.48 10.67
N ILE B 18 9.95 8.98 11.80
CA ILE B 18 10.85 9.76 12.64
C ILE B 18 12.25 9.15 12.70
N ASP B 19 13.18 9.79 11.99
CA ASP B 19 14.56 9.34 11.94
C ASP B 19 15.42 10.09 12.95
N ILE B 20 15.85 9.37 13.99
CA ILE B 20 16.74 9.94 15.00
C ILE B 20 18.18 9.57 14.68
N SER B 21 18.97 10.57 14.29
CA SER B 21 20.37 10.34 13.97
C SER B 21 21.26 10.89 15.08
N SER B 22 22.55 11.05 14.77
CA SER B 22 23.51 11.54 15.75
C SER B 22 23.43 13.07 15.91
N THR B 23 23.01 13.74 14.85
CA THR B 23 23.03 15.20 14.84
C THR B 23 21.66 15.86 14.63
N SER B 24 20.67 15.10 14.16
CA SER B 24 19.36 15.71 13.91
C SER B 24 18.19 14.74 14.07
N VAL B 25 16.98 15.30 14.14
CA VAL B 25 15.73 14.53 14.13
C VAL B 25 14.90 14.90 12.92
N LYS B 26 14.50 13.90 12.14
CA LYS B 26 13.75 14.14 10.92
C LYS B 26 12.35 13.52 10.97
N LEU B 27 11.36 14.34 10.65
CA LEU B 27 9.97 13.90 10.62
C LEU B 27 9.47 13.91 9.19
N LEU B 28 8.72 12.87 8.83
CA LEU B 28 8.05 12.85 7.54
C LEU B 28 6.71 12.15 7.68
N GLU B 29 5.68 12.74 7.11
CA GLU B 29 4.36 12.14 7.13
C GLU B 29 3.85 11.93 5.71
N LEU B 30 3.38 10.72 5.43
CA LEU B 30 2.89 10.39 4.09
C LEU B 30 1.43 9.96 4.12
N SER B 31 0.75 10.17 2.99
CA SER B 31 -0.57 9.60 2.74
C SER B 31 -0.61 9.14 1.28
N ARG B 32 -1.65 8.40 0.91
CA ARG B 32 -1.76 8.00 -0.49
C ARG B 32 -3.20 7.81 -0.95
N SER B 33 -3.41 7.98 -2.25
CA SER B 33 -4.72 7.83 -2.86
C SER B 33 -4.64 6.88 -4.06
N GLY B 34 -4.72 5.58 -3.77
CA GLY B 34 -4.58 4.56 -4.80
C GLY B 34 -3.18 3.99 -4.79
N GLY B 35 -2.32 4.56 -5.65
CA GLY B 35 -0.93 4.15 -5.70
C GLY B 35 0.00 5.33 -5.50
N ARG B 36 -0.54 6.53 -5.73
CA ARG B 36 0.25 7.76 -5.63
C ARG B 36 0.37 8.25 -4.19
N TYR B 37 1.60 8.46 -3.74
CA TYR B 37 1.85 8.96 -2.38
C TYR B 37 1.86 10.49 -2.36
N LYS B 38 1.73 11.06 -1.16
CA LYS B 38 1.78 12.50 -1.01
C LYS B 38 2.43 12.86 0.33
N VAL B 39 3.26 13.89 0.33
CA VAL B 39 3.93 14.32 1.54
C VAL B 39 3.07 15.29 2.34
N GLU B 40 2.58 14.85 3.49
CA GLU B 40 1.70 15.64 4.33
C GLU B 40 2.48 16.66 5.16
N ALA B 41 3.52 16.19 5.83
CA ALA B 41 4.28 17.03 6.73
C ALA B 41 5.77 16.68 6.71
N TYR B 42 6.60 17.66 7.03
CA TYR B 42 8.04 17.47 7.07
C TYR B 42 8.73 18.54 7.91
N ALA B 43 9.70 18.13 8.72
CA ALA B 43 10.51 19.05 9.52
C ALA B 43 11.80 18.38 10.02
N VAL B 44 12.83 19.19 10.26
CA VAL B 44 14.10 18.68 10.76
C VAL B 44 14.58 19.51 11.96
N GLU B 45 14.99 18.83 13.03
CA GLU B 45 15.47 19.50 14.23
C GLU B 45 16.86 19.01 14.58
N PRO B 46 17.82 19.93 14.75
CA PRO B 46 19.17 19.60 15.23
C PRO B 46 19.16 19.09 16.67
N LEU B 47 20.12 18.25 17.04
CA LEU B 47 20.23 17.77 18.41
C LEU B 47 21.28 18.55 19.19
N PRO B 48 21.11 18.63 20.53
CA PRO B 48 22.23 19.10 21.35
C PRO B 48 23.42 18.16 21.14
N PRO B 49 24.65 18.71 21.16
CA PRO B 49 25.82 17.86 20.92
C PRO B 49 25.98 16.78 21.98
N ASN B 50 26.43 15.60 21.57
CA ASN B 50 26.63 14.45 22.45
C ASN B 50 25.34 13.97 23.12
N ALA B 51 24.19 14.39 22.59
CA ALA B 51 22.91 13.88 23.07
C ALA B 51 22.65 12.53 22.43
N VAL B 52 23.11 12.37 21.19
CA VAL B 52 23.05 11.09 20.49
C VAL B 52 24.41 10.77 19.87
N VAL B 53 25.18 9.92 20.53
CA VAL B 53 26.47 9.49 19.99
C VAL B 53 26.30 8.13 19.32
N GLU B 54 26.92 7.97 18.15
CA GLU B 54 26.70 6.80 17.30
C GLU B 54 25.20 6.65 17.02
N LYS B 55 24.68 5.45 17.21
CA LYS B 55 23.24 5.23 17.07
C LYS B 55 22.60 5.15 18.45
N ASN B 56 23.36 5.52 19.46
CA ASN B 56 22.92 5.40 20.84
C ASN B 56 22.47 6.73 21.46
N ILE B 57 21.25 6.75 21.96
CA ILE B 57 20.72 7.89 22.68
C ILE B 57 21.36 7.99 24.06
N VAL B 58 21.92 9.16 24.37
CA VAL B 58 22.61 9.36 25.65
C VAL B 58 21.88 10.38 26.52
N GLU B 59 21.56 11.53 25.94
CA GLU B 59 20.80 12.55 26.66
C GLU B 59 19.32 12.44 26.27
N LEU B 60 18.55 11.83 27.16
CA LEU B 60 17.16 11.52 26.88
C LEU B 60 16.28 12.76 26.74
N GLU B 61 16.46 13.71 27.67
CA GLU B 61 15.67 14.93 27.67
C GLU B 61 15.98 15.80 26.45
N GLY B 62 17.23 15.77 26.02
CA GLY B 62 17.67 16.54 24.87
C GLY B 62 16.98 16.06 23.60
N VAL B 63 16.84 14.74 23.48
CA VAL B 63 16.15 14.13 22.35
C VAL B 63 14.66 14.45 22.41
N GLY B 64 14.09 14.33 23.60
CA GLY B 64 12.67 14.61 23.80
C GLY B 64 12.32 16.03 23.39
N GLN B 65 13.16 16.98 23.79
CA GLN B 65 12.96 18.37 23.40
C GLN B 65 13.04 18.53 21.90
N ALA B 66 14.06 17.93 21.28
CA ALA B 66 14.24 17.98 19.84
C ALA B 66 13.04 17.41 19.12
N LEU B 67 12.49 16.32 19.66
CA LEU B 67 11.30 15.69 19.11
C LEU B 67 10.08 16.60 19.23
N SER B 68 9.96 17.28 20.37
CA SER B 68 8.84 18.18 20.63
C SER B 68 8.79 19.31 19.61
N ARG B 69 9.95 19.90 19.33
CA ARG B 69 10.05 21.06 18.47
C ARG B 69 9.87 20.70 17.00
N VAL B 70 10.27 19.50 16.61
CA VAL B 70 10.15 19.09 15.22
C VAL B 70 8.68 18.80 14.88
N LEU B 71 7.88 18.50 15.90
CA LEU B 71 6.45 18.31 15.72
C LEU B 71 5.79 19.63 15.35
N VAL B 72 6.15 20.69 16.07
CA VAL B 72 5.54 22.00 15.89
C VAL B 72 5.72 22.55 14.48
N LYS B 73 6.94 22.47 13.94
CA LYS B 73 7.23 23.02 12.62
C LYS B 73 6.60 22.19 11.51
N ALA B 74 6.48 20.90 11.75
CA ALA B 74 5.83 20.02 10.80
C ALA B 74 4.34 20.31 10.82
N LYS B 75 3.85 20.72 11.99
CA LYS B 75 2.47 21.09 12.18
C LYS B 75 1.52 19.95 11.78
N THR B 76 1.62 18.79 12.41
CA THR B 76 0.69 17.71 12.12
C THR B 76 0.03 17.18 13.35
N ASN B 77 -1.03 16.45 13.11
CA ASN B 77 -1.88 15.95 14.19
C ASN B 77 -1.43 14.59 14.71
N LEU B 78 -0.78 13.81 13.86
CA LEU B 78 -0.34 12.45 14.21
C LEU B 78 0.57 12.42 15.44
N LYS B 79 0.32 11.45 16.31
CA LYS B 79 1.11 11.32 17.54
C LYS B 79 1.73 9.92 17.65
N SER B 80 1.41 9.05 16.70
CA SER B 80 2.04 7.74 16.65
C SER B 80 3.10 7.73 15.54
N ALA B 81 4.22 7.06 15.78
CA ALA B 81 5.35 7.16 14.87
C ALA B 81 6.10 5.85 14.68
N VAL B 82 6.86 5.79 13.58
CA VAL B 82 7.78 4.69 13.33
C VAL B 82 9.21 5.15 13.53
N VAL B 83 9.92 4.52 14.46
CA VAL B 83 11.34 4.79 14.65
C VAL B 83 12.14 3.53 14.38
N ALA B 84 13.46 3.66 14.30
CA ALA B 84 14.29 2.54 13.89
C ALA B 84 15.54 2.37 14.75
N VAL B 85 16.00 1.13 14.86
CA VAL B 85 17.32 0.84 15.39
C VAL B 85 18.23 0.43 14.22
N ALA B 86 19.53 0.53 14.42
CA ALA B 86 20.48 0.10 13.39
C ALA B 86 20.45 -1.41 13.23
N GLY B 87 20.61 -1.87 11.99
CA GLY B 87 20.66 -3.29 11.71
C GLY B 87 21.83 -3.98 12.38
N SER B 88 22.86 -3.20 12.68
CA SER B 88 24.05 -3.73 13.36
C SER B 88 23.73 -4.11 14.80
N ALA B 89 22.60 -3.62 15.31
CA ALA B 89 22.19 -3.91 16.67
C ALA B 89 21.20 -5.06 16.73
N VAL B 90 20.87 -5.62 15.56
CA VAL B 90 19.89 -6.70 15.49
C VAL B 90 20.53 -8.03 15.10
N ILE B 91 20.20 -9.06 15.86
CA ILE B 91 20.65 -10.42 15.55
C ILE B 91 19.50 -11.22 14.93
N THR B 92 19.76 -11.83 13.78
CA THR B 92 18.74 -12.58 13.06
C THR B 92 19.14 -14.05 12.93
N LYS B 93 18.19 -14.95 13.25
CA LYS B 93 18.46 -16.37 13.19
C LYS B 93 17.23 -17.17 12.74
N THR B 94 17.46 -18.20 11.92
CA THR B 94 16.40 -19.08 11.47
C THR B 94 16.48 -20.41 12.19
N ILE B 95 15.48 -20.67 13.04
CA ILE B 95 15.41 -21.95 13.74
C ILE B 95 14.12 -22.67 13.38
N GLU B 96 14.04 -23.96 13.69
CA GLU B 96 12.83 -24.71 13.43
C GLU B 96 12.16 -25.11 14.75
N GLU B 98 8.32 -26.91 16.73
CA GLU B 98 7.19 -27.82 16.59
C GLU B 98 6.02 -27.10 15.92
N ALA B 99 5.37 -27.79 14.99
CA ALA B 99 4.17 -27.27 14.35
C ALA B 99 2.96 -27.54 15.22
N GLY B 100 1.91 -26.75 15.03
CA GLY B 100 0.69 -26.92 15.79
C GLY B 100 0.67 -26.14 17.10
N LEU B 101 1.65 -25.27 17.28
CA LEU B 101 1.70 -24.42 18.47
C LEU B 101 0.88 -23.16 18.28
N SER B 102 0.21 -22.74 19.34
CA SER B 102 -0.50 -21.46 19.33
C SER B 102 0.51 -20.32 19.43
N GLU B 103 0.05 -19.10 19.22
CA GLU B 103 0.95 -17.95 19.27
C GLU B 103 1.53 -17.77 20.67
N ASP B 104 0.71 -18.07 21.67
CA ASP B 104 1.13 -17.97 23.07
C ASP B 104 2.19 -19.03 23.41
N GLU B 105 1.93 -20.27 23.01
CA GLU B 105 2.86 -21.37 23.22
C GLU B 105 4.19 -21.10 22.53
N LEU B 106 4.11 -20.58 21.31
CA LEU B 106 5.30 -20.24 20.54
C LEU B 106 6.09 -19.14 21.25
N GLU B 107 5.38 -18.16 21.79
CA GLU B 107 5.99 -17.06 22.51
C GLU B 107 6.72 -17.55 23.76
N ASN B 108 6.08 -18.45 24.50
CA ASN B 108 6.67 -18.99 25.72
C ASN B 108 7.98 -19.73 25.47
N GLN B 109 7.97 -20.58 24.45
CA GLN B 109 9.15 -21.35 24.08
C GLN B 109 10.27 -20.42 23.63
N LEU B 110 9.91 -19.40 22.87
CA LEU B 110 10.89 -18.46 22.32
C LEU B 110 11.49 -17.55 23.38
N LYS B 111 10.72 -17.24 24.43
CA LYS B 111 11.26 -16.45 25.54
C LYS B 111 12.35 -17.24 26.27
N ILE B 112 12.07 -18.51 26.52
CA ILE B 112 12.96 -19.37 27.28
C ILE B 112 14.19 -19.77 26.48
N GLU B 113 14.00 -20.18 25.23
CA GLU B 113 15.11 -20.66 24.40
C GLU B 113 15.91 -19.60 23.64
N ALA B 114 15.39 -18.38 23.56
CA ALA B 114 16.11 -17.30 22.88
C ALA B 114 17.54 -17.18 23.37
N ASP B 115 17.69 -17.32 24.69
CA ASP B 115 18.99 -17.38 25.37
C ASP B 115 20.01 -18.21 24.59
N GLN B 116 19.56 -19.33 24.04
CA GLN B 116 20.45 -20.28 23.36
C GLN B 116 20.90 -19.80 21.98
N TYR B 117 20.19 -18.83 21.43
CA TYR B 117 20.53 -18.25 20.13
C TYR B 117 21.09 -16.82 20.18
N ILE B 118 21.19 -16.21 21.36
CA ILE B 118 21.65 -14.84 21.44
C ILE B 118 22.80 -14.58 22.39
N PRO B 119 23.72 -13.73 21.96
CA PRO B 119 24.83 -13.34 22.81
C PRO B 119 24.33 -12.66 24.07
N TYR B 120 23.27 -11.86 23.94
CA TYR B 120 22.82 -11.04 25.04
C TYR B 120 22.37 -11.87 26.24
N PRO B 121 22.42 -11.26 27.42
CA PRO B 121 21.86 -11.87 28.63
C PRO B 121 20.35 -11.99 28.50
N LEU B 122 19.76 -13.06 29.04
CA LEU B 122 18.36 -13.35 28.73
C LEU B 122 17.37 -12.26 29.12
N GLU B 123 17.66 -11.53 30.19
CA GLU B 123 16.72 -10.55 30.73
C GLU B 123 16.74 -9.23 29.96
N GLU B 124 17.78 -9.02 29.15
CA GLU B 124 17.97 -7.75 28.47
C GLU B 124 17.62 -7.80 26.98
N VAL B 125 16.76 -8.72 26.58
CA VAL B 125 16.51 -8.96 25.16
C VAL B 125 15.07 -8.70 24.71
N ALA B 126 14.93 -7.93 23.63
CA ALA B 126 13.65 -7.75 22.97
C ALA B 126 13.56 -8.69 21.77
N ILE B 127 12.57 -9.57 21.76
CA ILE B 127 12.52 -10.63 20.78
C ILE B 127 11.34 -10.47 19.81
N ASP B 128 11.61 -10.60 18.52
CA ASP B 128 10.57 -10.59 17.50
C ASP B 128 10.68 -11.85 16.66
N PHE B 129 9.54 -12.45 16.32
CA PHE B 129 9.54 -13.70 15.59
C PHE B 129 8.47 -13.75 14.52
N GLU B 130 8.65 -14.66 13.57
CA GLU B 130 7.68 -14.86 12.50
C GLU B 130 7.78 -16.28 11.96
N VAL B 131 6.66 -17.00 12.01
CA VAL B 131 6.58 -18.31 11.38
C VAL B 131 6.65 -18.14 9.87
N GLN B 132 7.60 -18.83 9.23
CA GLN B 132 7.77 -18.74 7.79
C GLN B 132 6.88 -19.73 7.06
N GLY B 133 6.69 -20.89 7.65
CA GLY B 133 5.91 -21.96 7.06
C GLY B 133 6.41 -23.30 7.55
N LEU B 134 5.86 -24.39 7.02
CA LEU B 134 6.32 -25.72 7.37
C LEU B 134 7.74 -25.94 6.90
N SER B 135 8.53 -26.68 7.69
CA SER B 135 9.89 -27.02 7.31
C SER B 135 9.84 -27.93 6.09
N ALA B 136 10.76 -27.72 5.15
CA ALA B 136 10.75 -28.47 3.90
C ALA B 136 10.96 -29.96 4.13
N ARG B 137 11.93 -30.28 4.99
CA ARG B 137 12.25 -31.66 5.35
C ARG B 137 11.10 -32.37 6.09
N ASN B 138 10.56 -31.71 7.10
CA ASN B 138 9.62 -32.36 8.02
C ASN B 138 8.38 -31.50 8.28
N PRO B 139 7.20 -32.04 7.93
CA PRO B 139 5.92 -31.37 8.18
C PRO B 139 5.54 -31.34 9.66
N GLU B 140 6.33 -32.00 10.49
CA GLU B 140 6.13 -31.93 11.93
C GLU B 140 6.69 -30.63 12.49
N ARG B 141 7.50 -29.94 11.69
CA ARG B 141 8.18 -28.74 12.15
C ARG B 141 7.92 -27.53 11.26
N VAL B 142 8.03 -26.34 11.84
CA VAL B 142 7.91 -25.09 11.09
C VAL B 142 9.22 -24.33 11.13
N ASP B 143 9.45 -23.51 10.10
CA ASP B 143 10.61 -22.64 10.07
C ASP B 143 10.27 -21.30 10.73
N VAL B 144 11.05 -20.91 11.72
CA VAL B 144 10.78 -19.67 12.44
C VAL B 144 11.93 -18.68 12.31
N LEU B 145 11.62 -17.48 11.83
CA LEU B 145 12.61 -16.41 11.77
C LEU B 145 12.66 -15.68 13.10
N LEU B 146 13.85 -15.52 13.65
CA LEU B 146 14.00 -14.85 14.92
C LEU B 146 14.91 -13.64 14.81
N ALA B 147 14.45 -12.51 15.31
CA ALA B 147 15.23 -11.29 15.32
C ALA B 147 15.25 -10.69 16.73
N ALA B 148 16.45 -10.36 17.21
CA ALA B 148 16.58 -9.86 18.57
C ALA B 148 17.49 -8.63 18.65
N CYS B 149 17.22 -7.79 19.64
CA CYS B 149 18.12 -6.71 19.99
C CYS B 149 18.05 -6.50 21.50
N ARG B 150 19.02 -5.78 22.04
CA ARG B 150 19.00 -5.47 23.47
C ARG B 150 17.78 -4.61 23.80
N LYS B 151 17.10 -4.96 24.89
CA LYS B 151 15.88 -4.25 25.29
C LYS B 151 16.11 -2.76 25.43
N GLU B 152 17.31 -2.38 25.88
CA GLU B 152 17.67 -0.98 26.09
C GLU B 152 17.43 -0.12 24.86
N ASN B 153 17.81 -0.62 23.69
CA ASN B 153 17.67 0.11 22.44
C ASN B 153 16.22 0.50 22.14
N VAL B 154 15.29 -0.39 22.48
CA VAL B 154 13.88 -0.12 22.28
C VAL B 154 13.35 0.80 23.36
N GLU B 155 13.70 0.50 24.61
CA GLU B 155 13.17 1.22 25.76
C GLU B 155 13.63 2.67 25.83
N VAL B 156 14.86 2.96 25.38
CA VAL B 156 15.39 4.31 25.43
C VAL B 156 14.69 5.20 24.38
N ARG B 157 14.32 4.60 23.25
CA ARG B 157 13.62 5.32 22.20
C ARG B 157 12.15 5.48 22.60
N GLU B 158 11.64 4.50 23.35
CA GLU B 158 10.32 4.57 23.94
C GLU B 158 10.19 5.81 24.83
N ALA B 159 11.16 5.99 25.71
CA ALA B 159 11.19 7.10 26.63
C ALA B 159 11.39 8.43 25.91
N ALA B 160 12.28 8.42 24.92
CA ALA B 160 12.58 9.63 24.15
C ALA B 160 11.35 10.19 23.46
N LEU B 161 10.56 9.31 22.84
CA LEU B 161 9.34 9.72 22.17
C LEU B 161 8.24 10.12 23.15
N ALA B 162 8.23 9.48 24.31
CA ALA B 162 7.24 9.76 25.35
C ALA B 162 7.38 11.21 25.84
N LEU B 163 8.63 11.67 25.93
CA LEU B 163 8.92 13.03 26.37
C LEU B 163 8.33 14.08 25.43
N ALA B 164 8.05 13.66 24.18
CA ALA B 164 7.40 14.54 23.21
C ALA B 164 5.95 14.13 23.04
N GLY B 165 5.48 13.27 23.93
CA GLY B 165 4.11 12.78 23.89
C GLY B 165 3.87 11.76 22.80
N LEU B 166 4.95 11.34 22.13
CA LEU B 166 4.86 10.42 21.01
C LEU B 166 4.89 8.96 21.42
N THR B 167 4.29 8.12 20.59
CA THR B 167 4.28 6.68 20.81
C THR B 167 4.83 5.93 19.59
N ALA B 168 5.79 5.06 19.83
CA ALA B 168 6.33 4.24 18.75
C ALA B 168 5.41 3.04 18.51
N LYS B 169 4.56 3.15 17.50
CA LYS B 169 3.69 2.04 17.12
C LYS B 169 4.53 0.92 16.48
N VAL B 170 5.60 1.32 15.80
CA VAL B 170 6.50 0.36 15.18
C VAL B 170 7.97 0.73 15.39
N VAL B 171 8.75 -0.21 15.92
CA VAL B 171 10.19 -0.05 15.97
C VAL B 171 10.82 -0.79 14.79
N ASP B 172 11.16 -0.03 13.75
CA ASP B 172 11.64 -0.58 12.49
C ASP B 172 13.16 -0.82 12.54
N VAL B 173 13.72 -1.33 11.44
CA VAL B 173 15.16 -1.41 11.26
C VAL B 173 15.54 -0.53 10.07
N GLU B 174 16.54 0.33 10.26
CA GLU B 174 16.91 1.33 9.25
C GLU B 174 17.11 0.72 7.86
N ALA B 175 17.64 -0.50 7.82
CA ALA B 175 17.83 -1.20 6.56
C ALA B 175 16.50 -1.41 5.83
N TYR B 176 15.43 -1.69 6.58
CA TYR B 176 14.12 -1.92 5.99
C TYR B 176 13.54 -0.62 5.43
N ALA B 177 13.74 0.46 6.19
CA ALA B 177 13.27 1.77 5.78
C ALA B 177 13.95 2.20 4.48
N LEU B 178 15.24 1.91 4.38
CA LEU B 178 15.99 2.25 3.18
C LEU B 178 15.43 1.53 1.96
N GLU B 179 15.07 0.26 2.13
CA GLU B 179 14.54 -0.54 1.03
C GLU B 179 13.20 -0.01 0.53
N ARG B 180 12.38 0.46 1.46
CA ARG B 180 11.04 0.94 1.13
C ARG B 180 11.07 2.23 0.31
N SER B 181 11.96 3.15 0.69
CA SER B 181 12.07 4.43 -0.02
C SER B 181 12.83 4.26 -1.33
N TYR B 182 13.71 3.26 -1.39
CA TYR B 182 14.47 2.99 -2.59
C TYR B 182 13.58 2.43 -3.70
N ALA B 183 12.54 1.71 -3.31
CA ALA B 183 11.58 1.15 -4.26
C ALA B 183 10.87 2.26 -5.04
N LEU B 184 10.81 3.45 -4.46
CA LEU B 184 10.17 4.59 -5.11
C LEU B 184 11.07 5.25 -6.15
N LEU B 185 12.36 4.93 -6.11
CA LEU B 185 13.32 5.53 -7.04
C LEU B 185 13.25 4.90 -8.42
N SER B 186 12.44 3.84 -8.57
CA SER B 186 12.29 3.12 -9.82
C SER B 186 12.04 4.06 -10.99
N SER B 187 11.18 5.04 -10.79
CA SER B 187 10.96 6.08 -11.77
C SER B 187 12.24 6.82 -12.10
N GLN B 188 12.91 7.30 -11.06
CA GLN B 188 14.12 8.11 -11.20
C GLN B 188 15.28 7.36 -11.86
N LEU B 189 15.26 6.04 -11.75
CA LEU B 189 16.35 5.22 -12.27
C LEU B 189 16.15 4.80 -13.72
N ALA B 191 14.16 2.79 -14.93
CA ALA B 191 13.92 1.35 -15.01
C ALA B 191 13.35 0.81 -13.72
N ASP B 192 12.69 -0.34 -13.78
CA ASP B 192 12.14 -0.94 -12.58
C ASP B 192 13.24 -1.19 -11.58
N THR B 193 13.12 -0.60 -10.39
CA THR B 193 14.04 -0.83 -9.29
C THR B 193 14.08 -2.32 -8.97
N ASP B 194 13.10 -3.04 -9.52
CA ASP B 194 12.88 -4.46 -9.30
C ASP B 194 13.84 -5.37 -10.07
N GLN B 195 14.68 -4.81 -10.94
CA GLN B 195 15.58 -5.65 -11.75
C GLN B 195 17.02 -5.12 -11.84
N LEU B 196 17.40 -4.26 -10.89
CA LEU B 196 18.71 -3.62 -10.92
C LEU B 196 19.59 -4.02 -9.73
N THR B 197 20.88 -3.77 -9.86
CA THR B 197 21.83 -3.91 -8.75
C THR B 197 22.38 -2.53 -8.44
N VAL B 198 22.06 -2.00 -7.27
CA VAL B 198 22.32 -0.60 -6.97
C VAL B 198 23.02 -0.38 -5.63
N ALA B 199 24.10 0.41 -5.68
CA ALA B 199 24.83 0.77 -4.48
C ALA B 199 24.29 2.07 -3.87
N VAL B 200 23.59 1.96 -2.75
CA VAL B 200 23.10 3.14 -2.05
C VAL B 200 24.13 3.60 -1.01
N VAL B 201 24.70 4.77 -1.24
CA VAL B 201 25.68 5.34 -0.32
C VAL B 201 25.07 6.46 0.50
N ASP B 202 24.71 6.14 1.73
CA ASP B 202 24.14 7.13 2.66
C ASP B 202 25.28 7.85 3.37
N ILE B 203 25.57 9.08 2.94
CA ILE B 203 26.62 9.87 3.55
C ILE B 203 26.05 10.80 4.61
N GLY B 204 26.19 10.39 5.87
CA GLY B 204 25.67 11.16 6.97
C GLY B 204 26.63 12.22 7.45
N ALA B 205 26.40 12.74 8.65
CA ALA B 205 27.29 13.75 9.23
C ALA B 205 28.53 13.08 9.80
N THR B 206 28.32 12.00 10.54
CA THR B 206 29.42 11.29 11.19
C THR B 206 29.54 9.85 10.71
N THR B 208 29.00 7.10 7.24
CA THR B 208 28.69 6.77 5.84
C THR B 208 28.40 5.28 5.74
N THR B 209 27.37 4.93 4.99
CA THR B 209 26.92 3.55 4.92
C THR B 209 26.64 3.12 3.49
N LEU B 210 27.31 2.07 3.03
CA LEU B 210 27.04 1.51 1.72
C LEU B 210 26.03 0.37 1.83
N SER B 211 24.98 0.44 1.03
CA SER B 211 23.98 -0.62 1.00
C SER B 211 23.70 -1.04 -0.44
N VAL B 212 24.09 -2.26 -0.78
CA VAL B 212 23.84 -2.78 -2.12
C VAL B 212 22.50 -3.50 -2.18
N LEU B 213 21.66 -3.09 -3.13
CA LEU B 213 20.36 -3.71 -3.29
C LEU B 213 20.23 -4.37 -4.67
N HIS B 214 19.85 -5.65 -4.67
CA HIS B 214 19.59 -6.36 -5.91
C HIS B 214 18.11 -6.67 -6.01
N ASN B 215 17.48 -6.13 -7.04
CA ASN B 215 16.04 -6.31 -7.28
C ASN B 215 15.20 -5.93 -6.07
N GLY B 216 15.68 -4.97 -5.29
CA GLY B 216 14.93 -4.44 -4.17
C GLY B 216 15.38 -4.88 -2.80
N ARG B 217 16.17 -5.95 -2.73
CA ARG B 217 16.61 -6.49 -1.45
C ARG B 217 18.08 -6.19 -1.16
N THR B 218 18.35 -5.84 0.10
CA THR B 218 19.71 -5.56 0.55
C THR B 218 20.53 -6.85 0.60
N ILE B 219 21.68 -6.84 -0.08
CA ILE B 219 22.54 -8.03 -0.12
C ILE B 219 23.93 -7.75 0.46
N TYR B 220 24.16 -6.51 0.86
CA TYR B 220 25.45 -6.11 1.42
C TYR B 220 25.34 -4.78 2.16
N THR B 221 26.03 -4.68 3.29
CA THR B 221 26.04 -3.46 4.08
C THR B 221 27.38 -3.27 4.79
N ARG B 222 27.98 -2.10 4.61
CA ARG B 222 29.22 -1.75 5.30
C ARG B 222 29.16 -0.32 5.81
N GLU B 223 29.76 -0.09 6.97
CA GLU B 223 29.74 1.24 7.59
C GLU B 223 31.14 1.77 7.86
N GLN B 224 31.26 3.09 7.87
CA GLN B 224 32.53 3.76 8.17
C GLN B 224 32.28 5.05 8.95
N LEU B 225 33.25 5.44 9.76
CA LEU B 225 33.11 6.63 10.61
C LEU B 225 33.39 7.92 9.85
N PHE B 226 33.12 7.90 8.55
CA PHE B 226 33.32 9.06 7.68
C PHE B 226 31.99 9.77 7.42
N GLY B 227 32.02 11.10 7.37
CA GLY B 227 30.80 11.87 7.16
C GLY B 227 30.99 13.34 6.87
N GLY B 228 29.88 14.06 6.82
CA GLY B 228 29.86 15.46 6.46
C GLY B 228 30.38 16.39 7.54
N ARG B 229 30.47 15.89 8.77
CA ARG B 229 30.99 16.67 9.88
C ARG B 229 32.44 17.05 9.63
N GLN B 230 33.16 16.17 8.94
CA GLN B 230 34.53 16.44 8.49
C GLN B 230 34.59 17.72 7.69
N LEU B 231 33.61 17.93 6.82
CA LEU B 231 33.53 19.14 6.02
C LEU B 231 33.16 20.33 6.90
N THR B 232 32.26 20.09 7.85
CA THR B 232 31.83 21.13 8.79
C THR B 232 32.99 21.63 9.64
N GLU B 233 33.75 20.70 10.19
CA GLU B 233 34.86 21.03 11.08
C GLU B 233 36.00 21.75 10.37
N GLU B 234 36.15 21.50 9.07
CA GLU B 234 37.17 22.16 8.28
C GLU B 234 36.76 23.58 7.93
N ILE B 235 35.45 23.81 7.79
CA ILE B 235 34.94 25.15 7.57
C ILE B 235 35.08 25.96 8.85
N GLN B 236 34.75 25.33 9.97
CA GLN B 236 34.90 25.96 11.28
C GLN B 236 36.32 26.46 11.49
N ARG B 237 37.29 25.61 11.17
CA ARG B 237 38.69 25.90 11.44
C ARG B 237 39.24 26.98 10.50
N ARG B 238 38.95 26.87 9.21
CA ARG B 238 39.52 27.81 8.25
C ARG B 238 38.93 29.22 8.36
N TYR B 239 37.66 29.32 8.76
CA TYR B 239 36.97 30.60 8.72
C TYR B 239 36.51 31.10 10.08
N GLY B 240 36.75 30.30 11.12
CA GLY B 240 36.43 30.71 12.48
C GLY B 240 34.93 30.77 12.75
N LEU B 241 34.22 29.75 12.27
CA LEU B 241 32.78 29.66 12.47
C LEU B 241 32.44 28.57 13.46
N SER B 242 31.26 28.66 14.08
CA SER B 242 30.78 27.59 14.94
C SER B 242 30.20 26.47 14.09
N VAL B 243 29.69 25.42 14.74
CA VAL B 243 29.13 24.28 14.02
C VAL B 243 27.89 24.71 13.23
N GLU B 244 27.08 25.57 13.84
CA GLU B 244 25.87 26.06 13.19
C GLU B 244 26.20 26.91 11.95
N GLU B 245 27.06 27.91 12.14
CA GLU B 245 27.46 28.79 11.05
C GLU B 245 28.05 28.02 9.87
N ALA B 246 28.94 27.08 10.17
CA ALA B 246 29.60 26.27 9.16
C ALA B 246 28.60 25.40 8.41
N GLY B 247 27.68 24.78 9.15
CA GLY B 247 26.66 23.95 8.56
C GLY B 247 25.75 24.76 7.66
N LEU B 248 25.44 25.96 8.11
CA LEU B 248 24.60 26.88 7.34
C LEU B 248 25.34 27.34 6.09
N ALA B 249 26.66 27.48 6.23
CA ALA B 249 27.51 27.94 5.13
C ALA B 249 27.55 26.95 3.96
N LYS B 250 27.46 25.66 4.26
CA LYS B 250 27.40 24.64 3.22
C LYS B 250 26.21 24.87 2.28
N LYS B 251 25.04 25.09 2.87
CA LYS B 251 23.81 25.27 2.11
C LYS B 251 23.72 26.63 1.44
N GLN B 252 23.97 27.68 2.22
CA GLN B 252 23.77 29.05 1.75
C GLN B 252 24.90 29.55 0.85
N GLY B 253 26.10 29.02 1.05
CA GLY B 253 27.25 29.37 0.24
C GLY B 253 27.67 30.83 0.34
N GLY B 254 28.06 31.26 1.53
CA GLY B 254 28.56 32.62 1.72
C GLY B 254 30.03 32.67 2.06
N LEU B 255 30.77 31.62 1.74
CA LEU B 255 32.16 31.48 2.14
C LEU B 255 33.10 32.19 1.15
N PRO B 256 34.34 32.50 1.60
CA PRO B 256 35.30 33.16 0.70
C PRO B 256 35.66 32.34 -0.53
N ASP B 257 36.32 33.01 -1.49
CA ASP B 257 36.64 32.42 -2.80
C ASP B 257 37.44 31.12 -2.74
N ASP B 258 38.27 30.97 -1.72
CA ASP B 258 39.20 29.83 -1.65
C ASP B 258 38.53 28.59 -1.07
N TYR B 259 37.23 28.66 -0.82
CA TYR B 259 36.51 27.54 -0.20
C TYR B 259 36.50 26.29 -1.08
N ASP B 260 36.21 26.46 -2.37
CA ASP B 260 36.09 25.32 -3.28
C ASP B 260 37.40 24.55 -3.38
N SER B 261 38.50 25.25 -3.64
CA SER B 261 39.78 24.61 -3.91
C SER B 261 40.50 24.13 -2.65
N GLU B 262 40.28 24.80 -1.54
CA GLU B 262 41.03 24.49 -0.32
C GLU B 262 40.27 23.62 0.66
N VAL B 263 38.94 23.62 0.56
CA VAL B 263 38.12 22.88 1.52
C VAL B 263 37.18 21.88 0.85
N LEU B 264 36.33 22.36 -0.05
CA LEU B 264 35.28 21.51 -0.62
C LEU B 264 35.83 20.41 -1.52
N ARG B 265 36.74 20.75 -2.43
CA ARG B 265 37.31 19.76 -3.35
C ARG B 265 38.12 18.68 -2.61
N PRO B 266 38.98 19.06 -1.65
CA PRO B 266 39.64 17.98 -0.89
C PRO B 266 38.64 17.07 -0.17
N PHE B 267 37.55 17.62 0.34
CA PHE B 267 36.54 16.80 0.97
C PHE B 267 35.81 15.95 -0.05
N LYS B 268 35.55 16.52 -1.22
CA LYS B 268 34.91 15.79 -2.31
C LYS B 268 35.74 14.56 -2.68
N ASP B 269 37.06 14.74 -2.70
CA ASP B 269 37.99 13.65 -3.05
C ASP B 269 37.98 12.56 -1.99
N ALA B 270 37.90 12.96 -0.72
CA ALA B 270 37.81 12.01 0.38
C ALA B 270 36.54 11.17 0.27
N VAL B 271 35.48 11.78 -0.23
CA VAL B 271 34.22 11.08 -0.44
C VAL B 271 34.38 10.01 -1.52
N VAL B 272 35.01 10.38 -2.63
CA VAL B 272 35.24 9.46 -3.74
C VAL B 272 36.06 8.25 -3.31
N GLN B 273 37.19 8.53 -2.64
CA GLN B 273 38.05 7.45 -2.13
C GLN B 273 37.26 6.54 -1.21
N GLN B 274 36.41 7.13 -0.38
CA GLN B 274 35.57 6.36 0.54
C GLN B 274 34.61 5.46 -0.25
N VAL B 275 33.94 6.02 -1.24
CA VAL B 275 32.98 5.26 -2.02
C VAL B 275 33.67 4.12 -2.78
N SER B 276 34.82 4.43 -3.36
CA SER B 276 35.57 3.47 -4.15
C SER B 276 36.00 2.26 -3.34
N ARG B 277 36.58 2.49 -2.17
CA ARG B 277 37.06 1.39 -1.33
C ARG B 277 35.92 0.47 -0.90
N SER B 278 34.76 1.07 -0.61
CA SER B 278 33.61 0.32 -0.14
C SER B 278 33.05 -0.58 -1.23
N LEU B 279 33.05 -0.09 -2.47
CA LEU B 279 32.60 -0.89 -3.59
C LEU B 279 33.51 -2.08 -3.83
N GLN B 280 34.82 -1.86 -3.69
CA GLN B 280 35.81 -2.91 -3.86
C GLN B 280 35.61 -4.00 -2.80
N PHE B 281 35.31 -3.60 -1.58
CA PHE B 281 35.03 -4.54 -0.50
C PHE B 281 33.84 -5.42 -0.86
N PHE B 282 32.87 -4.80 -1.52
CA PHE B 282 31.64 -5.50 -1.92
C PHE B 282 31.89 -6.47 -3.08
N PHE B 283 32.65 -6.02 -4.07
CA PHE B 283 32.96 -6.85 -5.23
C PHE B 283 33.73 -8.10 -4.82
N ALA B 284 34.63 -7.96 -3.86
CA ALA B 284 35.43 -9.08 -3.35
C ALA B 284 34.66 -9.87 -2.30
N ALA B 285 33.37 -9.59 -2.17
CA ALA B 285 32.54 -10.29 -1.20
C ALA B 285 31.48 -11.16 -1.86
N GLY B 286 31.51 -11.24 -3.18
CA GLY B 286 30.52 -12.03 -3.89
C GLY B 286 30.65 -12.08 -5.40
N GLN B 287 29.60 -12.55 -6.04
CA GLN B 287 29.57 -12.76 -7.48
C GLN B 287 29.57 -11.47 -8.28
N PHE B 288 29.22 -10.37 -7.63
CA PHE B 288 29.01 -9.12 -8.35
C PHE B 288 30.30 -8.44 -8.75
N ASN B 289 30.36 -8.06 -10.02
CA ASN B 289 31.54 -7.41 -10.58
C ASN B 289 31.29 -5.92 -10.78
N ASP B 290 30.03 -5.53 -10.75
CA ASP B 290 29.64 -4.17 -11.07
C ASP B 290 28.25 -3.85 -10.53
N VAL B 291 27.97 -2.56 -10.35
CA VAL B 291 26.62 -2.12 -10.02
C VAL B 291 26.09 -1.26 -11.16
N ASP B 292 24.77 -1.30 -11.37
CA ASP B 292 24.16 -0.56 -12.46
C ASP B 292 24.05 0.92 -12.12
N TYR B 293 23.92 1.22 -10.83
CA TYR B 293 23.77 2.60 -10.38
C TYR B 293 24.37 2.80 -9.00
N ILE B 294 24.78 4.04 -8.74
CA ILE B 294 25.13 4.48 -7.40
C ILE B 294 24.14 5.57 -7.00
N VAL B 295 23.43 5.36 -5.89
CA VAL B 295 22.50 6.36 -5.40
C VAL B 295 23.07 7.05 -4.16
N LEU B 296 23.29 8.35 -4.27
CA LEU B 296 23.82 9.13 -3.15
C LEU B 296 22.69 9.54 -2.21
N ALA B 297 22.89 9.28 -0.92
CA ALA B 297 21.91 9.64 0.09
C ALA B 297 22.57 10.34 1.26
N GLY B 298 21.77 10.91 2.15
CA GLY B 298 22.28 11.71 3.25
C GLY B 298 22.36 13.17 2.83
N GLY B 299 22.38 14.07 3.79
CA GLY B 299 22.47 15.50 3.51
C GLY B 299 23.70 15.86 2.71
N THR B 300 24.79 15.14 2.96
CA THR B 300 26.07 15.39 2.30
C THR B 300 25.99 15.11 0.79
N ALA B 301 24.99 14.33 0.38
CA ALA B 301 24.80 14.01 -1.03
C ALA B 301 24.34 15.22 -1.84
N SER B 302 23.94 16.28 -1.16
CA SER B 302 23.47 17.48 -1.83
C SER B 302 24.62 18.40 -2.25
N ILE B 303 25.86 18.00 -1.93
CA ILE B 303 27.02 18.76 -2.37
C ILE B 303 27.03 18.86 -3.89
N GLN B 304 27.14 20.08 -4.40
CA GLN B 304 27.06 20.34 -5.83
C GLN B 304 28.04 19.50 -6.64
N ASP B 305 27.51 18.80 -7.64
CA ASP B 305 28.30 18.01 -8.59
C ASP B 305 29.10 16.87 -7.94
N LEU B 306 28.74 16.49 -6.73
CA LEU B 306 29.35 15.33 -6.09
C LEU B 306 29.01 14.07 -6.87
N ASP B 307 27.80 14.03 -7.43
CA ASP B 307 27.37 12.92 -8.27
C ASP B 307 28.20 12.86 -9.56
N ARG B 308 28.48 14.03 -10.14
CA ARG B 308 29.31 14.13 -11.33
C ARG B 308 30.72 13.61 -11.05
N LEU B 309 31.29 14.04 -9.94
CA LEU B 309 32.64 13.66 -9.56
C LEU B 309 32.78 12.14 -9.42
N ILE B 310 31.79 11.52 -8.77
CA ILE B 310 31.79 10.08 -8.56
C ILE B 310 31.65 9.33 -9.89
N GLN B 311 30.81 9.84 -10.78
CA GLN B 311 30.71 9.30 -12.14
C GLN B 311 32.04 9.40 -12.87
N GLN B 312 32.73 10.51 -12.68
CA GLN B 312 33.98 10.77 -13.38
C GLN B 312 35.10 9.84 -12.91
N LYS B 313 35.17 9.61 -11.61
CA LYS B 313 36.30 8.88 -11.04
C LYS B 313 36.04 7.37 -10.99
N ILE B 314 34.77 6.98 -10.94
CA ILE B 314 34.41 5.57 -10.79
C ILE B 314 33.88 4.95 -12.07
N GLY B 315 33.12 5.72 -12.85
CA GLY B 315 32.64 5.25 -14.13
C GLY B 315 31.28 4.60 -14.05
N THR B 316 30.62 4.77 -12.91
CA THR B 316 29.29 4.22 -12.69
C THR B 316 28.28 5.36 -12.61
N PRO B 317 27.15 5.22 -13.34
CA PRO B 317 26.07 6.21 -13.26
C PRO B 317 25.67 6.52 -11.82
N THR B 318 25.67 7.79 -11.46
CA THR B 318 25.41 8.22 -10.09
C THR B 318 24.35 9.31 -10.06
N LEU B 319 23.41 9.20 -9.14
CA LEU B 319 22.41 10.23 -8.97
C LEU B 319 22.06 10.46 -7.52
N VAL B 320 21.56 11.65 -7.22
CA VAL B 320 21.17 11.99 -5.85
C VAL B 320 19.77 11.49 -5.57
N ALA B 321 19.61 10.79 -4.45
CA ALA B 321 18.34 10.19 -4.07
C ALA B 321 17.24 11.24 -3.97
N ASN B 322 16.08 10.92 -4.56
CA ASN B 322 14.89 11.77 -4.44
C ASN B 322 13.63 10.92 -4.46
N PRO B 323 13.19 10.46 -3.28
CA PRO B 323 12.04 9.56 -3.16
C PRO B 323 10.71 10.28 -3.37
N PHE B 324 10.76 11.58 -3.62
CA PHE B 324 9.54 12.38 -3.75
C PHE B 324 9.32 12.85 -5.19
N ALA B 325 10.00 12.19 -6.13
CA ALA B 325 9.93 12.56 -7.54
C ALA B 325 8.50 12.47 -8.10
N ASP B 326 7.82 11.36 -7.83
CA ASP B 326 6.49 11.14 -8.39
C ASP B 326 5.39 11.69 -7.48
N ALA B 328 2.93 13.88 -4.89
CA ALA B 328 2.33 15.19 -4.81
C ALA B 328 2.68 15.80 -3.45
N LEU B 329 2.34 17.07 -3.26
CA LEU B 329 2.67 17.74 -2.01
C LEU B 329 1.47 18.48 -1.42
N ASN B 330 1.34 18.42 -0.09
CA ASN B 330 0.42 19.30 0.62
C ASN B 330 0.88 20.74 0.41
N GLY B 331 -0.08 21.67 0.35
CA GLY B 331 0.24 23.06 0.15
C GLY B 331 1.04 23.65 1.30
N LYS B 332 1.02 22.97 2.44
CA LYS B 332 1.72 23.43 3.63
C LYS B 332 3.19 22.99 3.63
N VAL B 333 3.54 22.12 2.70
CA VAL B 333 4.93 21.66 2.56
C VAL B 333 5.71 22.52 1.56
N ASN B 334 6.88 23.01 1.97
CA ASN B 334 7.75 23.79 1.11
C ASN B 334 8.46 22.91 0.08
N ALA B 335 8.06 23.05 -1.18
CA ALA B 335 8.59 22.20 -2.26
C ALA B 335 10.10 22.37 -2.44
N GLY B 336 10.58 23.61 -2.34
CA GLY B 336 11.99 23.90 -2.51
C GLY B 336 12.84 23.31 -1.39
N ALA B 337 12.37 23.46 -0.16
CA ALA B 337 13.08 22.95 1.01
C ALA B 337 13.15 21.43 0.99
N LEU B 338 12.02 20.79 0.69
CA LEU B 338 11.96 19.33 0.61
C LEU B 338 12.89 18.79 -0.46
N ALA B 339 12.88 19.43 -1.62
CA ALA B 339 13.71 19.01 -2.74
C ALA B 339 15.20 19.08 -2.41
N SER B 340 15.59 20.11 -1.66
CA SER B 340 17.00 20.30 -1.34
C SER B 340 17.43 19.37 -0.20
N ASP B 341 16.46 18.88 0.56
CA ASP B 341 16.74 17.97 1.67
C ASP B 341 16.40 16.52 1.33
N ALA B 342 15.87 16.29 0.13
CA ALA B 342 15.36 14.99 -0.28
C ALA B 342 16.31 13.80 -0.02
N PRO B 343 17.60 13.90 -0.40
CA PRO B 343 18.44 12.72 -0.18
C PRO B 343 18.70 12.39 1.28
N ALA B 344 18.41 13.31 2.19
CA ALA B 344 18.64 13.07 3.61
C ALA B 344 17.40 12.49 4.28
N LEU B 345 16.32 12.37 3.52
CA LEU B 345 15.04 11.93 4.06
C LEU B 345 14.69 10.50 3.64
N ILE B 347 15.67 7.58 4.94
CA ILE B 347 15.30 6.79 6.11
C ILE B 347 13.93 7.23 6.63
N ALA B 348 13.73 8.53 6.77
CA ALA B 348 12.46 9.07 7.27
C ALA B 348 11.28 8.70 6.37
N CYS B 349 11.50 8.76 5.06
CA CYS B 349 10.49 8.36 4.09
C CYS B 349 10.17 6.86 4.22
N GLY B 350 11.22 6.06 4.35
CA GLY B 350 11.07 4.63 4.50
C GLY B 350 10.37 4.22 5.78
N LEU B 351 10.61 4.97 6.85
CA LEU B 351 9.92 4.75 8.11
C LEU B 351 8.43 5.09 8.00
N ALA B 352 8.13 6.12 7.22
CA ALA B 352 6.74 6.53 7.03
C ALA B 352 6.01 5.57 6.10
N LEU B 353 6.75 4.90 5.23
CA LEU B 353 6.17 3.93 4.30
C LEU B 353 5.75 2.66 5.02
N ARG B 354 6.20 2.52 6.27
CA ARG B 354 5.81 1.38 7.10
C ARG B 354 4.32 1.45 7.47
N SER B 355 3.74 2.63 7.29
CA SER B 355 2.32 2.83 7.53
C SER B 355 1.46 2.05 6.55
N PHE B 356 2.01 1.75 5.39
CA PHE B 356 1.23 1.16 4.30
C PHE B 356 1.57 -0.30 4.03
N ASP B 357 2.19 -0.95 5.01
CA ASP B 357 2.51 -2.37 4.89
C ASP B 357 1.49 -3.22 5.63
#